data_2K7B
#
_entry.id   2K7B
#
loop_
_entity.id
_entity.type
_entity.pdbx_description
1 polymer 'Calcium-binding protein 1'
2 non-polymer 'MAGNESIUM ION'
#
_entity_poly.entity_id   1
_entity_poly.type   'polypeptide(L)'
_entity_poly.pdbx_seq_one_letter_code
;DRSLRPEEIEELREAFREFDKDKDGYINCRDLGNCMRTMGYMPTEMELIELSQQINMNLGGHVDFDDFVELMGPKL
;
_entity_poly.pdbx_strand_id   A
#
loop_
_chem_comp.id
_chem_comp.type
_chem_comp.name
_chem_comp.formula
MG non-polymer 'MAGNESIUM ION' 'Mg 2'
#
# COMPACT_ATOMS: atom_id res chain seq x y z
N ASP A 1 -21.00 -12.53 10.70
CA ASP A 1 -20.96 -11.27 11.48
C ASP A 1 -19.87 -10.34 10.96
N ARG A 2 -20.29 -9.25 10.37
CA ARG A 2 -19.30 -8.28 9.84
C ARG A 2 -18.24 -9.00 9.00
N SER A 3 -18.57 -9.25 7.76
CA SER A 3 -17.60 -9.95 6.87
C SER A 3 -16.67 -8.95 6.20
N LEU A 4 -15.39 -9.22 6.28
CA LEU A 4 -14.40 -8.31 5.65
C LEU A 4 -13.78 -8.95 4.41
N ARG A 5 -12.48 -8.87 4.32
CA ARG A 5 -11.79 -9.47 3.14
C ARG A 5 -10.36 -9.87 3.51
N PRO A 6 -10.26 -10.95 4.27
CA PRO A 6 -8.95 -11.46 4.70
C PRO A 6 -8.14 -12.01 3.52
N GLU A 7 -8.67 -11.85 2.34
CA GLU A 7 -7.95 -12.34 1.14
C GLU A 7 -6.97 -11.30 0.63
N GLU A 8 -7.40 -10.07 0.66
CA GLU A 8 -6.51 -8.98 0.18
C GLU A 8 -5.25 -8.91 1.03
N ILE A 9 -5.39 -9.28 2.28
CA ILE A 9 -4.21 -9.25 3.17
C ILE A 9 -3.12 -10.15 2.64
N GLU A 10 -3.50 -11.27 2.12
CA GLU A 10 -2.48 -12.21 1.58
C GLU A 10 -1.88 -11.64 0.31
N GLU A 11 -2.71 -11.15 -0.55
CA GLU A 11 -2.19 -10.58 -1.81
C GLU A 11 -1.33 -9.37 -1.52
N LEU A 12 -1.75 -8.57 -0.58
CA LEU A 12 -0.96 -7.37 -0.23
C LEU A 12 0.40 -7.78 0.28
N ARG A 13 0.40 -8.69 1.22
CA ARG A 13 1.70 -9.15 1.78
C ARG A 13 2.67 -9.50 0.67
N GLU A 14 2.19 -10.19 -0.34
CA GLU A 14 3.08 -10.56 -1.45
C GLU A 14 3.51 -9.32 -2.22
N ALA A 15 2.58 -8.42 -2.43
CA ALA A 15 2.91 -7.18 -3.17
C ALA A 15 3.84 -6.30 -2.35
N PHE A 16 3.51 -6.14 -1.10
CA PHE A 16 4.38 -5.30 -0.23
C PHE A 16 5.77 -5.86 -0.20
N ARG A 17 5.84 -7.14 -0.31
CA ARG A 17 7.16 -7.80 -0.28
C ARG A 17 7.77 -7.88 -1.67
N GLU A 18 7.03 -8.47 -2.58
CA GLU A 18 7.56 -8.58 -3.97
C GLU A 18 8.20 -7.27 -4.37
N PHE A 19 7.77 -6.21 -3.73
CA PHE A 19 8.33 -4.89 -4.02
C PHE A 19 9.38 -4.51 -2.99
N ASP A 20 9.22 -5.03 -1.79
CA ASP A 20 10.20 -4.72 -0.71
C ASP A 20 11.00 -5.96 -0.33
N LYS A 21 11.46 -6.66 -1.34
CA LYS A 21 12.26 -7.88 -1.05
C LYS A 21 13.57 -7.52 -0.38
N ASP A 22 13.97 -6.28 -0.54
CA ASP A 22 15.25 -5.84 0.08
C ASP A 22 15.26 -6.18 1.56
N LYS A 23 14.12 -6.54 2.08
CA LYS A 23 14.04 -6.90 3.52
C LYS A 23 14.17 -5.66 4.42
N ASP A 24 13.37 -4.65 4.13
CA ASP A 24 13.42 -3.40 4.93
C ASP A 24 12.16 -3.25 5.76
N GLY A 25 11.08 -3.83 5.29
CA GLY A 25 9.81 -3.73 6.04
C GLY A 25 9.15 -2.37 5.77
N TYR A 26 9.65 -1.66 4.80
CA TYR A 26 9.06 -0.32 4.48
C TYR A 26 9.18 0.00 3.00
N ILE A 27 8.15 0.61 2.47
CA ILE A 27 8.16 0.97 1.02
C ILE A 27 7.98 2.47 0.85
N ASN A 28 8.53 3.00 -0.19
CA ASN A 28 8.39 4.46 -0.42
C ASN A 28 7.16 4.74 -1.29
N CYS A 29 6.51 5.83 -1.02
CA CYS A 29 5.29 6.15 -1.82
C CYS A 29 5.57 6.01 -3.32
N ARG A 30 6.82 5.83 -3.66
CA ARG A 30 7.17 5.68 -5.09
C ARG A 30 6.72 4.31 -5.59
N ASP A 31 7.25 3.29 -4.97
CA ASP A 31 6.86 1.92 -5.39
C ASP A 31 5.35 1.77 -5.33
N LEU A 32 4.76 2.33 -4.30
CA LEU A 32 3.28 2.24 -4.16
C LEU A 32 2.58 2.40 -5.49
N GLY A 33 2.63 3.60 -6.02
CA GLY A 33 1.96 3.84 -7.33
C GLY A 33 2.17 2.63 -8.24
N ASN A 34 3.35 2.09 -8.18
CA ASN A 34 3.62 0.91 -9.03
C ASN A 34 3.11 -0.36 -8.36
N CYS A 35 3.12 -0.39 -7.04
CA CYS A 35 2.63 -1.61 -6.35
C CYS A 35 1.11 -1.56 -6.25
N MET A 36 0.60 -0.37 -6.12
CA MET A 36 -0.86 -0.22 -6.02
C MET A 36 -1.53 -0.61 -7.32
N ARG A 37 -0.93 -0.21 -8.42
CA ARG A 37 -1.52 -0.56 -9.73
C ARG A 37 -1.37 -2.05 -10.01
N THR A 38 -0.19 -2.56 -9.75
CA THR A 38 0.03 -4.00 -9.99
C THR A 38 -0.65 -4.84 -8.91
N MET A 39 -1.15 -4.17 -7.90
CA MET A 39 -1.82 -4.92 -6.81
C MET A 39 -3.30 -5.14 -7.12
N GLY A 40 -3.94 -4.16 -7.71
CA GLY A 40 -5.38 -4.35 -8.03
C GLY A 40 -5.80 -3.54 -9.25
N TYR A 41 -4.94 -2.66 -9.69
CA TYR A 41 -5.31 -1.86 -10.88
C TYR A 41 -6.71 -1.28 -10.71
N MET A 42 -6.81 -0.27 -9.88
CA MET A 42 -8.14 0.35 -9.66
C MET A 42 -8.07 1.82 -9.18
N PRO A 43 -7.07 2.17 -8.37
CA PRO A 43 -6.93 3.55 -7.89
C PRO A 43 -6.62 4.51 -9.03
N THR A 44 -6.44 5.76 -8.69
CA THR A 44 -6.13 6.76 -9.74
C THR A 44 -4.63 6.84 -10.00
N GLU A 45 -4.20 7.96 -10.52
CA GLU A 45 -2.76 8.15 -10.81
C GLU A 45 -2.27 9.46 -10.19
N MET A 46 -2.95 9.86 -9.15
CA MET A 46 -2.57 11.13 -8.46
C MET A 46 -3.34 11.26 -7.16
N GLU A 47 -4.27 10.37 -6.96
CA GLU A 47 -5.07 10.41 -5.72
C GLU A 47 -4.40 9.55 -4.69
N LEU A 48 -4.04 8.34 -5.09
CA LEU A 48 -3.38 7.45 -4.13
C LEU A 48 -2.18 8.18 -3.60
N ILE A 49 -1.80 9.16 -4.36
CA ILE A 49 -0.66 10.00 -4.02
C ILE A 49 -1.00 10.81 -2.78
N GLU A 50 -2.08 11.54 -2.86
CA GLU A 50 -2.50 12.37 -1.72
C GLU A 50 -2.59 11.53 -0.46
N LEU A 51 -2.88 10.27 -0.63
CA LEU A 51 -2.97 9.39 0.55
C LEU A 51 -1.58 9.14 1.12
N SER A 52 -0.68 8.74 0.27
CA SER A 52 0.69 8.47 0.74
C SER A 52 1.32 9.76 1.27
N GLN A 53 0.67 10.86 0.96
CA GLN A 53 1.19 12.16 1.44
C GLN A 53 0.67 12.40 2.83
N GLN A 54 -0.57 12.05 3.04
CA GLN A 54 -1.12 12.25 4.37
C GLN A 54 -0.25 11.51 5.37
N ILE A 55 0.32 10.42 4.90
CA ILE A 55 1.19 9.61 5.75
C ILE A 55 2.22 10.50 6.44
N ASN A 56 2.68 11.47 5.72
CA ASN A 56 3.67 12.40 6.28
C ASN A 56 3.24 12.92 7.65
N MET A 57 2.01 12.66 8.02
CA MET A 57 1.53 13.13 9.34
C MET A 57 2.05 12.21 10.45
N ASN A 58 2.99 11.37 10.12
CA ASN A 58 3.54 10.44 11.14
C ASN A 58 4.99 10.10 10.82
N LEU A 59 5.19 9.20 9.90
CA LEU A 59 6.57 8.81 9.53
C LEU A 59 7.21 9.86 8.64
N GLY A 60 6.89 9.80 7.36
CA GLY A 60 7.48 10.79 6.41
C GLY A 60 7.89 10.14 5.10
N GLY A 61 6.97 9.48 4.45
CA GLY A 61 7.33 8.83 3.15
C GLY A 61 7.73 7.37 3.37
N HIS A 62 7.14 6.75 4.35
CA HIS A 62 7.48 5.34 4.62
C HIS A 62 6.27 4.63 5.21
N VAL A 63 5.81 3.64 4.50
CA VAL A 63 4.63 2.87 4.98
C VAL A 63 5.00 1.45 5.35
N ASP A 64 4.42 1.00 6.42
CA ASP A 64 4.67 -0.37 6.89
C ASP A 64 3.55 -1.24 6.38
N PHE A 65 3.74 -2.52 6.33
CA PHE A 65 2.63 -3.36 5.83
C PHE A 65 1.32 -2.95 6.47
N ASP A 66 1.40 -2.24 7.55
CA ASP A 66 0.15 -1.79 8.22
C ASP A 66 -0.44 -0.60 7.50
N ASP A 67 0.37 0.40 7.24
CA ASP A 67 -0.16 1.58 6.55
C ASP A 67 -0.48 1.17 5.12
N PHE A 68 0.37 0.36 4.57
CA PHE A 68 0.17 -0.12 3.20
C PHE A 68 -1.25 -0.66 3.08
N VAL A 69 -1.62 -1.46 4.05
CA VAL A 69 -2.97 -2.03 4.04
C VAL A 69 -3.99 -0.94 4.38
N GLU A 70 -3.56 -0.03 5.20
CA GLU A 70 -4.46 1.09 5.61
C GLU A 70 -4.62 2.10 4.48
N LEU A 71 -3.73 2.04 3.51
CA LEU A 71 -3.83 2.98 2.38
C LEU A 71 -4.59 2.36 1.23
N MET A 72 -4.66 1.05 1.23
CA MET A 72 -5.40 0.36 0.14
C MET A 72 -6.82 -0.02 0.59
N GLY A 73 -7.08 0.13 1.86
CA GLY A 73 -8.42 -0.21 2.39
C GLY A 73 -9.47 0.90 2.11
N PRO A 74 -9.03 2.15 2.06
CA PRO A 74 -9.94 3.27 1.81
C PRO A 74 -10.50 3.23 0.38
N LYS A 75 -9.68 3.57 -0.58
CA LYS A 75 -10.17 3.57 -1.98
C LYS A 75 -9.81 2.26 -2.69
N LEU A 76 -10.81 1.66 -3.29
CA LEU A 76 -10.57 0.38 -4.00
C LEU A 76 -11.40 0.30 -5.28
MG MG B . 13.09 -0.83 1.62
N ASP A 1 -21.87 -13.02 7.67
CA ASP A 1 -20.84 -12.49 6.76
C ASP A 1 -19.45 -12.63 7.38
N ARG A 2 -19.41 -12.73 8.68
CA ARG A 2 -18.11 -12.87 9.37
C ARG A 2 -17.11 -11.84 8.84
N SER A 3 -16.18 -12.30 8.05
CA SER A 3 -15.17 -11.36 7.50
C SER A 3 -14.61 -11.89 6.18
N LEU A 4 -14.32 -11.00 5.28
CA LEU A 4 -13.78 -11.43 3.97
C LEU A 4 -12.69 -12.49 4.16
N ARG A 5 -12.69 -13.46 3.29
CA ARG A 5 -11.67 -14.54 3.42
C ARG A 5 -10.26 -13.94 3.39
N PRO A 6 -9.34 -14.59 4.09
CA PRO A 6 -7.95 -14.13 4.15
C PRO A 6 -7.31 -14.07 2.76
N GLU A 7 -8.08 -14.39 1.77
CA GLU A 7 -7.54 -14.37 0.39
C GLU A 7 -7.11 -12.95 0.00
N GLU A 8 -7.98 -12.01 0.24
CA GLU A 8 -7.65 -10.61 -0.11
C GLU A 8 -6.37 -10.17 0.59
N ILE A 9 -6.33 -10.37 1.88
CA ILE A 9 -5.11 -9.97 2.63
C ILE A 9 -3.87 -10.60 2.01
N GLU A 10 -4.02 -11.79 1.50
CA GLU A 10 -2.86 -12.46 0.88
C GLU A 10 -2.34 -11.65 -0.30
N GLU A 11 -3.22 -11.35 -1.23
CA GLU A 11 -2.79 -10.56 -2.40
C GLU A 11 -2.21 -9.23 -1.95
N LEU A 12 -2.89 -8.59 -1.05
CA LEU A 12 -2.40 -7.30 -0.55
C LEU A 12 -1.01 -7.47 0.08
N ARG A 13 -0.89 -8.49 0.88
CA ARG A 13 0.41 -8.73 1.53
C ARG A 13 1.51 -8.99 0.51
N GLU A 14 1.22 -9.83 -0.44
CA GLU A 14 2.22 -10.13 -1.47
C GLU A 14 2.72 -8.85 -2.13
N ALA A 15 1.83 -7.93 -2.36
CA ALA A 15 2.25 -6.66 -2.99
C ALA A 15 3.33 -5.99 -2.16
N PHE A 16 3.01 -5.72 -0.91
CA PHE A 16 4.03 -5.06 -0.04
C PHE A 16 5.36 -5.77 -0.13
N ARG A 17 5.29 -7.05 -0.20
CA ARG A 17 6.54 -7.86 -0.28
C ARG A 17 7.11 -7.86 -1.68
N GLU A 18 6.29 -8.21 -2.64
CA GLU A 18 6.77 -8.23 -4.03
C GLU A 18 7.58 -6.99 -4.31
N PHE A 19 7.37 -6.00 -3.47
CA PHE A 19 8.10 -4.73 -3.65
C PHE A 19 9.13 -4.52 -2.54
N ASP A 20 8.95 -5.19 -1.41
CA ASP A 20 9.93 -5.03 -0.31
C ASP A 20 11.00 -6.10 -0.37
N LYS A 21 11.41 -6.44 -1.57
CA LYS A 21 12.45 -7.47 -1.70
C LYS A 21 13.83 -6.91 -1.37
N ASP A 22 13.91 -5.60 -1.35
CA ASP A 22 15.21 -4.97 -1.04
C ASP A 22 15.50 -5.05 0.46
N LYS A 23 14.71 -5.82 1.15
CA LYS A 23 14.91 -5.97 2.61
C LYS A 23 14.98 -4.60 3.30
N ASP A 24 13.83 -4.03 3.55
CA ASP A 24 13.78 -2.71 4.21
C ASP A 24 12.63 -2.65 5.19
N GLY A 25 11.67 -3.52 5.00
CA GLY A 25 10.49 -3.56 5.91
C GLY A 25 9.61 -2.33 5.68
N TYR A 26 9.96 -1.51 4.74
CA TYR A 26 9.13 -0.30 4.47
C TYR A 26 9.17 0.11 3.00
N ILE A 27 8.18 0.87 2.58
CA ILE A 27 8.13 1.32 1.16
C ILE A 27 7.94 2.82 1.07
N ASN A 28 8.36 3.39 -0.03
CA ASN A 28 8.22 4.86 -0.22
C ASN A 28 7.01 5.17 -1.10
N CYS A 29 6.53 6.37 -1.01
CA CYS A 29 5.35 6.74 -1.84
C CYS A 29 5.64 6.50 -3.32
N ARG A 30 6.88 6.55 -3.70
CA ARG A 30 7.23 6.33 -5.13
C ARG A 30 7.07 4.87 -5.50
N ASP A 31 7.28 4.02 -4.53
CA ASP A 31 7.15 2.57 -4.79
C ASP A 31 5.69 2.19 -5.00
N LEU A 32 4.87 2.54 -4.05
CA LEU A 32 3.43 2.21 -4.18
C LEU A 32 2.91 2.49 -5.57
N GLY A 33 3.16 3.67 -6.08
CA GLY A 33 2.66 3.98 -7.45
C GLY A 33 2.95 2.79 -8.36
N ASN A 34 4.10 2.22 -8.18
CA ASN A 34 4.45 1.05 -9.01
C ASN A 34 3.77 -0.19 -8.45
N CYS A 35 3.49 -0.16 -7.16
CA CYS A 35 2.83 -1.34 -6.55
C CYS A 35 1.34 -1.29 -6.86
N MET A 36 0.83 -0.10 -6.97
CA MET A 36 -0.59 0.06 -7.27
C MET A 36 -0.88 -0.47 -8.66
N ARG A 37 -0.07 -0.05 -9.61
CA ARG A 37 -0.29 -0.52 -10.99
C ARG A 37 -0.16 -2.03 -11.03
N THR A 38 0.81 -2.54 -10.31
CA THR A 38 1.01 -4.01 -10.30
C THR A 38 -0.20 -4.68 -9.67
N MET A 39 -0.83 -3.99 -8.76
CA MET A 39 -2.02 -4.56 -8.09
C MET A 39 -3.09 -4.87 -9.13
N GLY A 40 -3.36 -3.92 -9.99
CA GLY A 40 -4.41 -4.15 -11.02
C GLY A 40 -4.84 -2.82 -11.64
N TYR A 41 -4.03 -1.82 -11.49
CA TYR A 41 -4.37 -0.50 -12.05
C TYR A 41 -5.84 -0.16 -11.79
N MET A 42 -6.37 -0.69 -10.72
CA MET A 42 -7.78 -0.40 -10.40
C MET A 42 -7.94 1.03 -9.88
N PRO A 43 -7.00 1.48 -9.07
CA PRO A 43 -7.05 2.83 -8.52
C PRO A 43 -6.69 3.86 -9.58
N THR A 44 -6.35 5.04 -9.14
CA THR A 44 -5.99 6.11 -10.12
C THR A 44 -4.49 6.25 -10.22
N GLU A 45 -4.06 7.25 -10.96
CA GLU A 45 -2.61 7.47 -11.13
C GLU A 45 -2.17 8.71 -10.37
N MET A 46 -3.06 9.26 -9.58
CA MET A 46 -2.71 10.48 -8.80
C MET A 46 -3.41 10.47 -7.45
N GLU A 47 -4.43 9.66 -7.32
CA GLU A 47 -5.14 9.60 -6.03
C GLU A 47 -4.30 8.91 -4.98
N LEU A 48 -3.76 7.78 -5.33
CA LEU A 48 -2.92 7.06 -4.35
C LEU A 48 -1.93 8.03 -3.75
N ILE A 49 -1.55 9.00 -4.55
CA ILE A 49 -0.60 9.99 -4.07
C ILE A 49 -1.21 10.81 -2.94
N GLU A 50 -2.40 11.29 -3.14
CA GLU A 50 -3.03 12.09 -2.07
C GLU A 50 -2.92 11.35 -0.75
N LEU A 51 -3.05 10.06 -0.80
CA LEU A 51 -2.94 9.27 0.44
C LEU A 51 -1.50 9.21 0.90
N SER A 52 -0.66 8.65 0.08
CA SER A 52 0.76 8.55 0.44
C SER A 52 1.36 9.95 0.58
N GLN A 53 0.64 10.92 0.10
CA GLN A 53 1.14 12.32 0.19
C GLN A 53 0.90 12.83 1.59
N GLN A 54 -0.28 12.57 2.09
CA GLN A 54 -0.60 13.02 3.44
C GLN A 54 0.46 12.49 4.39
N ILE A 55 0.91 11.28 4.12
CA ILE A 55 1.93 10.70 5.00
C ILE A 55 3.02 11.72 5.29
N ASN A 56 3.34 12.50 4.31
CA ASN A 56 4.38 13.53 4.49
C ASN A 56 4.10 14.35 5.74
N MET A 57 2.83 14.51 6.05
CA MET A 57 2.46 15.29 7.24
C MET A 57 2.34 14.38 8.45
N ASN A 58 3.05 13.28 8.42
CA ASN A 58 2.99 12.33 9.55
C ASN A 58 4.35 11.69 9.80
N LEU A 59 4.69 10.72 9.00
CA LEU A 59 6.00 10.04 9.18
C LEU A 59 7.07 10.74 8.34
N GLY A 60 7.13 10.40 7.08
CA GLY A 60 8.15 11.04 6.21
C GLY A 60 8.36 10.24 4.92
N GLY A 61 7.27 9.80 4.33
CA GLY A 61 7.41 9.02 3.07
C GLY A 61 7.81 7.58 3.36
N HIS A 62 7.36 7.08 4.48
CA HIS A 62 7.71 5.68 4.85
C HIS A 62 6.49 5.00 5.45
N VAL A 63 6.18 3.84 4.94
CA VAL A 63 5.01 3.10 5.45
C VAL A 63 5.36 1.65 5.73
N ASP A 64 4.93 1.20 6.86
CA ASP A 64 5.19 -0.19 7.24
C ASP A 64 4.03 -1.03 6.78
N PHE A 65 4.21 -2.31 6.68
CA PHE A 65 3.09 -3.14 6.24
C PHE A 65 1.82 -2.77 7.00
N ASP A 66 2.00 -2.00 8.04
CA ASP A 66 0.82 -1.59 8.84
C ASP A 66 0.16 -0.37 8.22
N ASP A 67 0.94 0.64 7.88
CA ASP A 67 0.34 1.84 7.27
C ASP A 67 -0.10 1.52 5.86
N PHE A 68 0.48 0.48 5.34
CA PHE A 68 0.14 0.04 3.96
C PHE A 68 -1.19 -0.69 3.98
N VAL A 69 -1.34 -1.57 4.93
CA VAL A 69 -2.59 -2.33 5.05
C VAL A 69 -3.68 -1.44 5.65
N GLU A 70 -3.28 -0.51 6.46
CA GLU A 70 -4.26 0.40 7.09
C GLU A 70 -4.69 1.51 6.13
N LEU A 71 -3.90 1.76 5.12
CA LEU A 71 -4.29 2.84 4.16
C LEU A 71 -5.16 2.26 3.06
N MET A 72 -4.95 0.99 2.77
CA MET A 72 -5.75 0.33 1.70
C MET A 72 -6.83 -0.58 2.28
N GLY A 73 -6.78 -0.77 3.56
CA GLY A 73 -7.79 -1.65 4.21
C GLY A 73 -9.16 -0.98 4.41
N PRO A 74 -9.18 0.07 5.20
CA PRO A 74 -10.40 0.81 5.48
C PRO A 74 -11.04 1.41 4.23
N LYS A 75 -10.61 2.60 3.87
CA LYS A 75 -11.18 3.27 2.66
C LYS A 75 -10.11 3.49 1.59
N LEU A 76 -10.56 3.58 0.37
CA LEU A 76 -9.61 3.80 -0.74
C LEU A 76 -10.22 4.67 -1.82
MG MG B . 11.56 -1.29 0.82
N ASP A 1 -23.45 -7.17 7.29
CA ASP A 1 -22.10 -6.55 7.19
C ASP A 1 -21.15 -7.44 6.40
N ARG A 2 -20.54 -6.89 5.40
CA ARG A 2 -19.59 -7.69 4.58
C ARG A 2 -18.50 -8.29 5.46
N SER A 3 -18.37 -9.59 5.40
CA SER A 3 -17.33 -10.25 6.21
C SER A 3 -15.95 -10.09 5.58
N LEU A 4 -14.93 -10.43 6.33
CA LEU A 4 -13.55 -10.31 5.81
C LEU A 4 -12.99 -11.68 5.41
N ARG A 5 -11.77 -11.69 4.92
CA ARG A 5 -11.17 -12.98 4.52
C ARG A 5 -9.63 -12.94 4.65
N PRO A 6 -9.03 -14.06 5.06
CA PRO A 6 -7.58 -14.13 5.22
C PRO A 6 -6.84 -13.95 3.89
N GLU A 7 -7.19 -14.76 2.92
CA GLU A 7 -6.53 -14.65 1.59
C GLU A 7 -6.31 -13.20 1.18
N GLU A 8 -7.21 -12.34 1.58
CA GLU A 8 -7.06 -10.91 1.21
C GLU A 8 -5.72 -10.37 1.69
N ILE A 9 -5.50 -10.43 2.98
CA ILE A 9 -4.22 -9.92 3.51
C ILE A 9 -3.04 -10.63 2.86
N GLU A 10 -3.22 -11.88 2.54
CA GLU A 10 -2.11 -12.63 1.90
C GLU A 10 -1.75 -12.00 0.56
N GLU A 11 -2.76 -11.65 -0.19
CA GLU A 11 -2.47 -11.03 -1.51
C GLU A 11 -1.69 -9.75 -1.31
N LEU A 12 -2.02 -9.02 -0.28
CA LEU A 12 -1.30 -7.76 -0.02
C LEU A 12 0.14 -8.06 0.28
N ARG A 13 0.35 -8.87 1.29
CA ARG A 13 1.74 -9.22 1.66
C ARG A 13 2.55 -9.53 0.43
N GLU A 14 1.95 -10.24 -0.50
CA GLU A 14 2.70 -10.58 -1.73
C GLU A 14 3.06 -9.31 -2.46
N ALA A 15 2.15 -8.37 -2.44
CA ALA A 15 2.43 -7.10 -3.14
C ALA A 15 3.52 -6.33 -2.38
N PHE A 16 3.24 -6.03 -1.14
CA PHE A 16 4.24 -5.29 -0.34
C PHE A 16 5.60 -5.95 -0.50
N ARG A 17 5.57 -7.23 -0.72
CA ARG A 17 6.84 -7.98 -0.89
C ARG A 17 7.28 -7.98 -2.34
N GLU A 18 6.41 -8.45 -3.20
CA GLU A 18 6.78 -8.48 -4.64
C GLU A 18 7.45 -7.18 -5.01
N PHE A 19 7.17 -6.17 -4.22
CA PHE A 19 7.76 -4.86 -4.47
C PHE A 19 9.02 -4.68 -3.64
N ASP A 20 9.03 -5.26 -2.45
CA ASP A 20 10.22 -5.13 -1.60
C ASP A 20 11.43 -5.63 -2.36
N LYS A 21 12.25 -4.73 -2.80
CA LYS A 21 13.46 -5.12 -3.56
C LYS A 21 14.30 -6.13 -2.80
N ASP A 22 14.03 -6.29 -1.54
CA ASP A 22 14.83 -7.28 -0.76
C ASP A 22 14.48 -7.22 0.72
N LYS A 23 14.82 -6.13 1.35
CA LYS A 23 14.53 -6.01 2.79
C LYS A 23 14.67 -4.56 3.27
N ASP A 24 13.59 -3.81 3.13
CA ASP A 24 13.62 -2.40 3.56
C ASP A 24 12.72 -2.23 4.76
N GLY A 25 11.96 -3.26 5.04
CA GLY A 25 11.02 -3.20 6.20
C GLY A 25 9.96 -2.13 5.98
N TYR A 26 10.22 -1.25 5.06
CA TYR A 26 9.22 -0.17 4.79
C TYR A 26 9.30 0.31 3.35
N ILE A 27 8.15 0.65 2.79
CA ILE A 27 8.13 1.14 1.39
C ILE A 27 7.88 2.63 1.37
N ASN A 28 8.25 3.25 0.27
CA ASN A 28 8.04 4.71 0.14
C ASN A 28 6.84 5.02 -0.74
N CYS A 29 6.30 6.19 -0.60
CA CYS A 29 5.14 6.55 -1.44
C CYS A 29 5.45 6.37 -2.92
N ARG A 30 6.72 6.34 -3.24
CA ARG A 30 7.11 6.16 -4.66
C ARG A 30 6.85 4.74 -5.12
N ASP A 31 7.01 3.81 -4.22
CA ASP A 31 6.77 2.40 -4.58
C ASP A 31 5.28 2.10 -4.71
N LEU A 32 4.54 2.41 -3.68
CA LEU A 32 3.08 2.15 -3.74
C LEU A 32 2.47 2.66 -5.02
N GLY A 33 2.83 3.87 -5.42
CA GLY A 33 2.25 4.41 -6.67
C GLY A 33 2.28 3.32 -7.73
N ASN A 34 3.37 2.60 -7.76
CA ASN A 34 3.48 1.51 -8.75
C ASN A 34 2.70 0.30 -8.28
N CYS A 35 2.56 0.17 -6.98
CA CYS A 35 1.80 -0.98 -6.45
C CYS A 35 0.32 -0.73 -6.62
N MET A 36 -0.06 0.49 -6.39
CA MET A 36 -1.47 0.84 -6.53
C MET A 36 -1.94 0.55 -7.95
N ARG A 37 -1.10 0.91 -8.90
CA ARG A 37 -1.48 0.66 -10.31
C ARG A 37 -1.51 -0.84 -10.59
N THR A 38 -0.62 -1.56 -9.95
CA THR A 38 -0.59 -3.04 -10.17
C THR A 38 -1.77 -3.70 -9.47
N MET A 39 -2.38 -2.99 -8.54
CA MET A 39 -3.54 -3.55 -7.82
C MET A 39 -4.68 -2.53 -7.79
N GLY A 40 -4.67 -1.64 -8.75
CA GLY A 40 -5.75 -0.62 -8.78
C GLY A 40 -6.09 -0.25 -10.22
N TYR A 41 -5.91 -1.19 -11.12
CA TYR A 41 -6.22 -0.91 -12.55
C TYR A 41 -5.31 0.16 -13.12
N MET A 42 -5.91 1.15 -13.70
CA MET A 42 -5.13 2.26 -14.31
C MET A 42 -5.44 3.60 -13.62
N PRO A 43 -4.89 3.80 -12.43
CA PRO A 43 -5.10 5.04 -11.68
C PRO A 43 -4.60 6.24 -12.46
N THR A 44 -4.45 7.35 -11.79
CA THR A 44 -3.96 8.57 -12.48
C THR A 44 -2.44 8.59 -12.51
N GLU A 45 -1.90 9.78 -12.51
CA GLU A 45 -0.42 9.93 -12.54
C GLU A 45 0.06 10.76 -11.36
N MET A 46 -0.77 10.88 -10.37
CA MET A 46 -0.37 11.68 -9.18
C MET A 46 -1.40 11.53 -8.06
N GLU A 47 -2.51 10.92 -8.36
CA GLU A 47 -3.54 10.74 -7.31
C GLU A 47 -3.07 9.74 -6.26
N LEU A 48 -2.62 8.60 -6.71
CA LEU A 48 -2.16 7.59 -5.73
C LEU A 48 -1.21 8.26 -4.75
N ILE A 49 -0.59 9.32 -5.22
CA ILE A 49 0.35 10.05 -4.37
C ILE A 49 -0.42 10.80 -3.28
N GLU A 50 -1.48 11.45 -3.67
CA GLU A 50 -2.26 12.20 -2.67
C GLU A 50 -2.55 11.30 -1.49
N LEU A 51 -2.78 10.05 -1.76
CA LEU A 51 -3.06 9.11 -0.66
C LEU A 51 -1.79 8.86 0.13
N SER A 52 -0.83 8.26 -0.52
CA SER A 52 0.43 7.99 0.19
C SER A 52 0.97 9.28 0.75
N GLN A 53 0.61 10.37 0.12
CA GLN A 53 1.09 11.67 0.60
C GLN A 53 0.32 12.03 1.84
N GLN A 54 -0.91 11.57 1.89
CA GLN A 54 -1.75 11.86 3.06
C GLN A 54 -1.01 11.40 4.30
N ILE A 55 -0.34 10.28 4.17
CA ILE A 55 0.42 9.77 5.34
C ILE A 55 1.17 10.90 6.02
N ASN A 56 1.80 11.72 5.20
CA ASN A 56 2.57 12.85 5.77
C ASN A 56 1.77 13.55 6.86
N MET A 57 0.47 13.49 6.74
CA MET A 57 -0.37 14.15 7.76
C MET A 57 -0.27 13.40 9.08
N ASN A 58 0.62 12.45 9.12
CA ASN A 58 0.79 11.66 10.37
C ASN A 58 2.27 11.36 10.60
N LEU A 59 2.84 10.57 9.72
CA LEU A 59 4.27 10.23 9.87
C LEU A 59 5.14 11.17 9.04
N GLY A 60 5.27 10.86 7.78
CA GLY A 60 6.11 11.73 6.90
C GLY A 60 6.21 11.16 5.48
N GLY A 61 5.72 9.96 5.29
CA GLY A 61 5.78 9.33 3.93
C GLY A 61 6.39 7.93 4.00
N HIS A 62 6.19 7.29 5.13
CA HIS A 62 6.75 5.91 5.32
C HIS A 62 5.63 4.96 5.68
N VAL A 63 5.63 3.78 5.12
CA VAL A 63 4.56 2.80 5.45
C VAL A 63 5.10 1.40 5.65
N ASP A 64 4.60 0.79 6.67
CA ASP A 64 5.01 -0.58 6.99
C ASP A 64 3.90 -1.49 6.53
N PHE A 65 4.17 -2.75 6.38
CA PHE A 65 3.07 -3.62 5.92
C PHE A 65 1.78 -3.30 6.67
N ASP A 66 1.92 -2.65 7.79
CA ASP A 66 0.73 -2.29 8.60
C ASP A 66 0.07 -1.03 8.03
N ASP A 67 0.87 -0.04 7.71
CA ASP A 67 0.27 1.20 7.16
C ASP A 67 -0.18 0.91 5.75
N PHE A 68 0.57 0.04 5.12
CA PHE A 68 0.27 -0.35 3.74
C PHE A 68 -1.12 -0.96 3.68
N VAL A 69 -1.41 -1.79 4.64
CA VAL A 69 -2.74 -2.44 4.68
C VAL A 69 -3.78 -1.44 5.16
N GLU A 70 -3.34 -0.51 5.96
CA GLU A 70 -4.28 0.51 6.48
C GLU A 70 -4.56 1.59 5.43
N LEU A 71 -3.55 1.95 4.67
CA LEU A 71 -3.77 2.99 3.63
C LEU A 71 -4.59 2.42 2.48
N MET A 72 -4.45 1.15 2.22
CA MET A 72 -5.21 0.54 1.11
C MET A 72 -6.66 0.32 1.52
N GLY A 73 -6.86 -0.02 2.77
CA GLY A 73 -8.24 -0.27 3.29
C GLY A 73 -9.25 0.70 2.67
N PRO A 74 -9.03 1.97 2.91
CA PRO A 74 -9.90 3.02 2.39
C PRO A 74 -9.93 3.05 0.85
N LYS A 75 -9.84 1.90 0.24
CA LYS A 75 -9.87 1.87 -1.24
C LYS A 75 -10.29 0.50 -1.79
N LEU A 76 -10.25 -0.50 -0.94
CA LEU A 76 -10.64 -1.85 -1.42
C LEU A 76 -12.00 -1.80 -2.12
MG MG B . 13.36 -3.59 -0.41
N ASP A 1 -20.77 -13.19 5.78
CA ASP A 1 -19.38 -13.72 5.81
C ASP A 1 -18.74 -13.50 7.18
N ARG A 2 -17.76 -14.30 7.49
CA ARG A 2 -17.08 -14.15 8.80
C ARG A 2 -16.31 -12.83 8.87
N SER A 3 -15.78 -12.42 7.74
CA SER A 3 -15.01 -11.14 7.72
C SER A 3 -14.77 -10.68 6.29
N LEU A 4 -13.79 -9.84 6.12
CA LEU A 4 -13.49 -9.33 4.76
C LEU A 4 -12.75 -10.38 3.94
N ARG A 5 -12.87 -10.29 2.64
CA ARG A 5 -12.19 -11.26 1.77
C ARG A 5 -10.73 -11.49 2.25
N PRO A 6 -10.41 -12.72 2.67
CA PRO A 6 -9.06 -13.02 3.14
C PRO A 6 -8.04 -12.84 2.02
N GLU A 7 -8.52 -12.80 0.80
CA GLU A 7 -7.60 -12.62 -0.34
C GLU A 7 -6.93 -11.26 -0.30
N GLU A 8 -7.58 -10.33 0.35
CA GLU A 8 -7.00 -8.97 0.44
C GLU A 8 -5.76 -8.96 1.32
N ILE A 9 -5.89 -9.50 2.51
CA ILE A 9 -4.73 -9.53 3.43
C ILE A 9 -3.60 -10.36 2.85
N GLU A 10 -3.95 -11.39 2.13
CA GLU A 10 -2.89 -12.24 1.54
C GLU A 10 -2.27 -11.57 0.33
N GLU A 11 -3.08 -10.92 -0.45
CA GLU A 11 -2.54 -10.24 -1.65
C GLU A 11 -1.69 -9.04 -1.24
N LEU A 12 -2.00 -8.49 -0.10
CA LEU A 12 -1.21 -7.32 0.37
C LEU A 12 0.16 -7.76 0.79
N ARG A 13 0.21 -8.75 1.65
CA ARG A 13 1.52 -9.25 2.12
C ARG A 13 2.42 -9.61 0.95
N GLU A 14 1.85 -10.25 -0.03
CA GLU A 14 2.67 -10.62 -1.20
C GLU A 14 3.02 -9.40 -2.01
N ALA A 15 2.11 -8.48 -2.09
CA ALA A 15 2.37 -7.24 -2.85
C ALA A 15 3.41 -6.39 -2.15
N PHE A 16 3.23 -6.15 -0.88
CA PHE A 16 4.22 -5.33 -0.14
C PHE A 16 5.59 -5.98 -0.24
N ARG A 17 5.57 -7.26 -0.37
CA ARG A 17 6.86 -8.00 -0.47
C ARG A 17 7.42 -7.95 -1.87
N GLU A 18 6.68 -8.45 -2.82
CA GLU A 18 7.18 -8.42 -4.21
C GLU A 18 7.75 -7.05 -4.52
N PHE A 19 7.28 -6.07 -3.80
CA PHE A 19 7.76 -4.70 -4.01
C PHE A 19 8.83 -4.34 -3.00
N ASP A 20 8.91 -5.10 -1.93
CA ASP A 20 9.93 -4.80 -0.89
C ASP A 20 11.35 -4.90 -1.47
N LYS A 21 11.45 -4.89 -2.78
CA LYS A 21 12.79 -4.99 -3.42
C LYS A 21 13.79 -4.09 -2.70
N ASP A 22 13.30 -3.05 -2.09
CA ASP A 22 14.21 -2.12 -1.37
C ASP A 22 14.90 -2.82 -0.21
N LYS A 23 14.48 -4.04 0.06
CA LYS A 23 15.09 -4.81 1.18
C LYS A 23 15.46 -3.91 2.36
N ASP A 24 14.68 -2.86 2.55
CA ASP A 24 14.96 -1.92 3.68
C ASP A 24 13.97 -2.14 4.81
N GLY A 25 12.80 -2.58 4.46
CA GLY A 25 11.74 -2.82 5.49
C GLY A 25 10.60 -1.82 5.34
N TYR A 26 10.75 -0.91 4.41
CA TYR A 26 9.68 0.10 4.20
C TYR A 26 9.65 0.54 2.74
N ILE A 27 8.47 0.87 2.27
CA ILE A 27 8.34 1.32 0.85
C ILE A 27 8.04 2.81 0.78
N ASN A 28 8.59 3.46 -0.20
CA ASN A 28 8.34 4.93 -0.34
C ASN A 28 7.14 5.19 -1.23
N CYS A 29 6.58 6.36 -1.11
CA CYS A 29 5.40 6.69 -1.94
C CYS A 29 5.67 6.42 -3.42
N ARG A 30 6.90 6.56 -3.82
CA ARG A 30 7.24 6.31 -5.24
C ARG A 30 7.08 4.83 -5.58
N ASP A 31 7.49 3.99 -4.67
CA ASP A 31 7.36 2.54 -4.95
C ASP A 31 5.90 2.14 -5.02
N LEU A 32 5.11 2.59 -4.07
CA LEU A 32 3.67 2.23 -4.10
C LEU A 32 3.06 2.62 -5.43
N GLY A 33 3.43 3.77 -5.93
CA GLY A 33 2.84 4.18 -7.24
C GLY A 33 2.87 2.98 -8.18
N ASN A 34 3.94 2.24 -8.12
CA ASN A 34 4.06 1.06 -8.99
C ASN A 34 3.20 -0.07 -8.44
N CYS A 35 3.11 -0.15 -7.14
CA CYS A 35 2.30 -1.22 -6.52
C CYS A 35 0.83 -0.88 -6.65
N MET A 36 0.53 0.39 -6.57
CA MET A 36 -0.87 0.80 -6.70
C MET A 36 -1.39 0.44 -8.07
N ARG A 37 -0.53 0.59 -9.05
CA ARG A 37 -0.94 0.26 -10.43
C ARG A 37 -1.12 -1.23 -10.55
N THR A 38 -0.32 -1.95 -9.83
CA THR A 38 -0.42 -3.42 -9.88
C THR A 38 -1.68 -3.88 -9.15
N MET A 39 -2.12 -3.08 -8.22
CA MET A 39 -3.36 -3.42 -7.46
C MET A 39 -4.53 -2.55 -7.89
N GLY A 40 -4.23 -1.58 -8.73
CA GLY A 40 -5.31 -0.66 -9.21
C GLY A 40 -5.14 -0.44 -10.71
N TYR A 41 -5.17 -1.51 -11.45
CA TYR A 41 -5.02 -1.41 -12.93
C TYR A 41 -5.65 -0.14 -13.50
N MET A 42 -4.83 0.64 -14.16
CA MET A 42 -5.33 1.91 -14.76
C MET A 42 -5.83 2.91 -13.70
N PRO A 43 -4.92 3.31 -12.84
CA PRO A 43 -5.24 4.27 -11.78
C PRO A 43 -5.29 5.68 -12.35
N THR A 44 -4.95 6.63 -11.53
CA THR A 44 -4.96 8.02 -11.99
C THR A 44 -3.60 8.39 -12.56
N GLU A 45 -2.94 9.23 -11.85
CA GLU A 45 -1.58 9.68 -12.28
C GLU A 45 -0.97 10.51 -11.18
N MET A 46 -1.70 10.61 -10.11
CA MET A 46 -1.23 11.40 -8.94
C MET A 46 -2.06 11.02 -7.73
N GLU A 47 -3.11 10.26 -7.97
CA GLU A 47 -3.98 9.85 -6.85
C GLU A 47 -3.19 8.99 -5.87
N LEU A 48 -2.47 8.03 -6.40
CA LEU A 48 -1.68 7.15 -5.51
C LEU A 48 -0.97 8.00 -4.48
N ILE A 49 -0.51 9.14 -4.92
CA ILE A 49 0.18 10.05 -4.02
C ILE A 49 -0.75 10.51 -2.90
N GLU A 50 -1.96 10.85 -3.28
CA GLU A 50 -2.92 11.30 -2.26
C GLU A 50 -2.96 10.32 -1.10
N LEU A 51 -2.91 9.06 -1.44
CA LEU A 51 -2.95 8.03 -0.38
C LEU A 51 -1.63 8.03 0.39
N SER A 52 -0.55 7.93 -0.34
CA SER A 52 0.75 7.94 0.32
C SER A 52 1.00 9.28 0.98
N GLN A 53 0.16 10.23 0.64
CA GLN A 53 0.32 11.57 1.24
C GLN A 53 -0.35 11.57 2.58
N GLN A 54 -1.51 10.98 2.64
CA GLN A 54 -2.23 10.93 3.92
C GLN A 54 -1.31 10.34 4.96
N ILE A 55 -0.53 9.37 4.54
CA ILE A 55 0.41 8.73 5.50
C ILE A 55 1.16 9.80 6.27
N ASN A 56 1.27 10.96 5.67
CA ASN A 56 1.97 12.07 6.33
C ASN A 56 1.54 12.22 7.79
N MET A 57 0.49 11.54 8.14
CA MET A 57 0.00 11.62 9.54
C MET A 57 0.86 10.75 10.45
N ASN A 58 1.49 9.77 9.86
CA ASN A 58 2.35 8.86 10.66
C ASN A 58 3.82 9.20 10.47
N LEU A 59 4.37 8.75 9.37
CA LEU A 59 5.80 9.02 9.09
C LEU A 59 5.97 10.21 8.15
N GLY A 60 5.90 9.93 6.87
CA GLY A 60 6.05 11.02 5.87
C GLY A 60 6.69 10.49 4.59
N GLY A 61 5.87 9.95 3.73
CA GLY A 61 6.41 9.40 2.44
C GLY A 61 6.98 8.00 2.65
N HIS A 62 6.53 7.35 3.68
CA HIS A 62 7.03 5.98 3.96
C HIS A 62 5.95 5.17 4.67
N VAL A 63 5.82 3.92 4.29
CA VAL A 63 4.79 3.08 4.93
C VAL A 63 5.31 1.70 5.30
N ASP A 64 4.76 1.20 6.35
CA ASP A 64 5.14 -0.14 6.83
C ASP A 64 3.99 -1.06 6.51
N PHE A 65 4.22 -2.34 6.50
CA PHE A 65 3.08 -3.23 6.18
C PHE A 65 1.83 -2.84 6.95
N ASP A 66 2.00 -1.99 7.94
CA ASP A 66 0.83 -1.55 8.73
C ASP A 66 0.12 -0.41 8.01
N ASP A 67 0.86 0.63 7.66
CA ASP A 67 0.22 1.77 6.96
C ASP A 67 -0.25 1.30 5.61
N PHE A 68 0.45 0.35 5.08
CA PHE A 68 0.12 -0.22 3.75
C PHE A 68 -1.24 -0.90 3.84
N VAL A 69 -1.38 -1.71 4.85
CA VAL A 69 -2.65 -2.43 5.03
C VAL A 69 -3.72 -1.46 5.53
N GLU A 70 -3.28 -0.48 6.28
CA GLU A 70 -4.23 0.52 6.82
C GLU A 70 -4.70 1.50 5.75
N LEU A 71 -3.99 1.54 4.63
CA LEU A 71 -4.42 2.48 3.56
C LEU A 71 -5.38 1.79 2.60
N MET A 72 -5.15 0.53 2.37
CA MET A 72 -6.04 -0.21 1.45
C MET A 72 -7.22 -0.84 2.20
N GLY A 73 -7.19 -0.76 3.50
CA GLY A 73 -8.30 -1.35 4.30
C GLY A 73 -9.53 -0.41 4.41
N PRO A 74 -9.30 0.80 4.87
CA PRO A 74 -10.38 1.79 5.04
C PRO A 74 -11.07 2.19 3.72
N LYS A 75 -10.31 2.74 2.82
CA LYS A 75 -10.90 3.16 1.50
C LYS A 75 -11.97 2.18 1.00
N LEU A 76 -11.92 0.97 1.44
CA LEU A 76 -12.94 -0.01 0.99
C LEU A 76 -14.28 0.25 1.67
MG MG B . 10.79 -1.93 0.61
N ASP A 1 -22.41 -16.30 7.31
CA ASP A 1 -22.27 -14.85 7.12
C ASP A 1 -20.80 -14.43 7.19
N ARG A 2 -20.20 -14.25 6.04
CA ARG A 2 -18.78 -13.83 6.02
C ARG A 2 -18.49 -12.96 4.79
N SER A 3 -18.09 -11.75 5.05
CA SER A 3 -17.78 -10.83 3.92
C SER A 3 -16.29 -10.81 3.61
N LEU A 4 -15.51 -10.55 4.62
CA LEU A 4 -14.03 -10.52 4.42
C LEU A 4 -13.50 -11.89 4.04
N ARG A 5 -12.28 -11.94 3.57
CA ARG A 5 -11.70 -13.24 3.16
C ARG A 5 -10.16 -13.24 3.40
N PRO A 6 -9.63 -14.37 3.85
CA PRO A 6 -8.19 -14.48 4.10
C PRO A 6 -7.38 -14.25 2.81
N GLU A 7 -7.87 -14.79 1.73
CA GLU A 7 -7.14 -14.62 0.44
C GLU A 7 -6.85 -13.16 0.18
N GLU A 8 -7.58 -12.31 0.83
CA GLU A 8 -7.35 -10.85 0.62
C GLU A 8 -6.08 -10.40 1.31
N ILE A 9 -6.00 -10.64 2.60
CA ILE A 9 -4.78 -10.22 3.32
C ILE A 9 -3.55 -10.88 2.73
N GLU A 10 -3.75 -11.96 2.02
CA GLU A 10 -2.59 -12.65 1.41
C GLU A 10 -2.13 -11.89 0.18
N GLU A 11 -3.03 -11.66 -0.73
CA GLU A 11 -2.66 -10.93 -1.95
C GLU A 11 -2.01 -9.61 -1.59
N LEU A 12 -2.53 -8.97 -0.56
CA LEU A 12 -1.95 -7.69 -0.14
C LEU A 12 -0.50 -7.90 0.29
N ARG A 13 -0.33 -8.75 1.25
CA ARG A 13 1.03 -9.03 1.77
C ARG A 13 2.01 -9.33 0.63
N GLU A 14 1.55 -10.02 -0.38
CA GLU A 14 2.46 -10.33 -1.51
C GLU A 14 2.92 -9.04 -2.20
N ALA A 15 2.02 -8.10 -2.32
CA ALA A 15 2.40 -6.83 -2.99
C ALA A 15 3.47 -6.09 -2.18
N PHE A 16 3.22 -5.90 -0.91
CA PHE A 16 4.22 -5.18 -0.08
C PHE A 16 5.57 -5.86 -0.19
N ARG A 17 5.53 -7.15 -0.36
CA ARG A 17 6.81 -7.91 -0.49
C ARG A 17 7.34 -7.85 -1.90
N GLU A 18 6.52 -8.25 -2.83
CA GLU A 18 6.96 -8.22 -4.25
C GLU A 18 7.68 -6.91 -4.52
N PHE A 19 7.37 -5.93 -3.73
CA PHE A 19 8.00 -4.62 -3.90
C PHE A 19 9.13 -4.41 -2.90
N ASP A 20 9.10 -5.15 -1.80
CA ASP A 20 10.16 -5.00 -0.80
C ASP A 20 11.50 -5.43 -1.38
N LYS A 21 11.99 -4.62 -2.29
CA LYS A 21 13.29 -4.93 -2.93
C LYS A 21 14.32 -3.94 -2.46
N ASP A 22 13.88 -3.04 -1.62
CA ASP A 22 14.82 -2.02 -1.11
C ASP A 22 15.71 -2.62 -0.05
N LYS A 23 15.25 -2.53 1.18
CA LYS A 23 16.04 -3.08 2.32
C LYS A 23 15.50 -2.57 3.65
N ASP A 24 14.78 -1.47 3.60
CA ASP A 24 14.22 -0.91 4.86
C ASP A 24 12.91 -1.57 5.23
N GLY A 25 12.54 -2.59 4.51
CA GLY A 25 11.27 -3.27 4.83
C GLY A 25 10.10 -2.28 4.78
N TYR A 26 10.40 -1.05 4.40
CA TYR A 26 9.33 -0.02 4.32
C TYR A 26 9.22 0.51 2.89
N ILE A 27 8.01 0.67 2.42
CA ILE A 27 7.82 1.18 1.04
C ILE A 27 7.66 2.68 1.03
N ASN A 28 8.13 3.31 -0.01
CA ASN A 28 8.01 4.79 -0.10
C ASN A 28 6.72 5.17 -0.78
N CYS A 29 6.31 6.38 -0.58
CA CYS A 29 5.05 6.83 -1.22
C CYS A 29 5.15 6.72 -2.74
N ARG A 30 6.32 6.91 -3.26
CA ARG A 30 6.50 6.82 -4.72
C ARG A 30 6.48 5.36 -5.17
N ASP A 31 6.74 4.48 -4.25
CA ASP A 31 6.75 3.04 -4.61
C ASP A 31 5.32 2.54 -4.78
N LEU A 32 4.47 2.84 -3.84
CA LEU A 32 3.08 2.37 -3.96
C LEU A 32 2.51 2.71 -5.32
N GLY A 33 2.68 3.94 -5.74
CA GLY A 33 2.14 4.32 -7.08
C GLY A 33 2.43 3.18 -8.07
N ASN A 34 3.62 2.65 -7.98
CA ASN A 34 3.99 1.54 -8.89
C ASN A 34 3.34 0.25 -8.41
N CYS A 35 3.13 0.14 -7.12
CA CYS A 35 2.51 -1.09 -6.59
C CYS A 35 1.01 -1.04 -6.83
N MET A 36 0.46 0.12 -6.64
CA MET A 36 -0.99 0.28 -6.84
C MET A 36 -1.33 -0.02 -8.29
N ARG A 37 -0.42 0.30 -9.17
CA ARG A 37 -0.68 0.04 -10.60
C ARG A 37 -0.57 -1.46 -10.88
N THR A 38 0.37 -2.09 -10.23
CA THR A 38 0.56 -3.55 -10.44
C THR A 38 -0.63 -4.32 -9.85
N MET A 39 -1.34 -3.68 -8.96
CA MET A 39 -2.51 -4.34 -8.32
C MET A 39 -3.81 -3.77 -8.89
N GLY A 40 -3.85 -2.48 -9.04
CA GLY A 40 -5.09 -1.84 -9.60
C GLY A 40 -5.03 -1.79 -11.13
N TYR A 41 -4.00 -2.37 -11.68
CA TYR A 41 -3.86 -2.36 -13.15
C TYR A 41 -3.57 -0.97 -13.68
N MET A 42 -4.43 -0.08 -13.36
CA MET A 42 -4.25 1.31 -13.82
C MET A 42 -5.26 2.26 -13.15
N PRO A 43 -4.96 2.67 -11.95
CA PRO A 43 -5.83 3.58 -11.21
C PRO A 43 -5.79 4.97 -11.82
N THR A 44 -5.95 5.97 -11.00
CA THR A 44 -5.92 7.34 -11.52
C THR A 44 -4.49 7.76 -11.78
N GLU A 45 -3.62 7.01 -11.21
CA GLU A 45 -2.16 7.28 -11.37
C GLU A 45 -1.76 8.55 -10.62
N MET A 46 -2.42 8.80 -9.52
CA MET A 46 -2.09 10.02 -8.74
C MET A 46 -2.89 10.07 -7.45
N GLU A 47 -3.84 9.20 -7.34
CA GLU A 47 -4.67 9.19 -6.11
C GLU A 47 -3.89 8.60 -4.95
N LEU A 48 -3.39 7.41 -5.14
CA LEU A 48 -2.63 6.80 -4.05
C LEU A 48 -1.53 7.73 -3.61
N ILE A 49 -1.29 8.73 -4.42
CA ILE A 49 -0.26 9.70 -4.09
C ILE A 49 -0.76 10.62 -3.01
N GLU A 50 -1.84 11.29 -3.28
CA GLU A 50 -2.39 12.22 -2.29
C GLU A 50 -2.41 11.58 -0.91
N LEU A 51 -2.66 10.32 -0.87
CA LEU A 51 -2.69 9.66 0.44
C LEU A 51 -1.26 9.41 0.93
N SER A 52 -0.45 8.89 0.06
CA SER A 52 0.94 8.62 0.45
C SER A 52 1.73 9.91 0.56
N GLN A 53 1.30 10.93 -0.13
CA GLN A 53 2.04 12.21 -0.05
C GLN A 53 1.68 12.88 1.26
N GLN A 54 0.47 12.65 1.69
CA GLN A 54 0.03 13.27 2.96
C GLN A 54 0.90 12.75 4.09
N ILE A 55 1.15 11.46 4.07
CA ILE A 55 2.01 10.89 5.15
C ILE A 55 3.23 11.77 5.35
N ASN A 56 3.75 12.27 4.26
CA ASN A 56 4.96 13.13 4.34
C ASN A 56 4.87 14.12 5.51
N MET A 57 3.67 14.53 5.82
CA MET A 57 3.51 15.49 6.95
C MET A 57 3.16 14.77 8.24
N ASN A 58 2.49 13.66 8.13
CA ASN A 58 2.11 12.92 9.35
C ASN A 58 3.33 12.24 9.97
N LEU A 59 4.08 11.54 9.14
CA LEU A 59 5.29 10.85 9.64
C LEU A 59 6.51 11.21 8.79
N GLY A 60 6.38 11.08 7.50
CA GLY A 60 7.54 11.41 6.64
C GLY A 60 7.41 10.75 5.25
N GLY A 61 6.45 9.88 5.10
CA GLY A 61 6.27 9.21 3.77
C GLY A 61 6.83 7.78 3.79
N HIS A 62 6.54 7.08 4.86
CA HIS A 62 7.03 5.69 4.98
C HIS A 62 5.96 4.81 5.57
N VAL A 63 5.52 3.84 4.82
CA VAL A 63 4.45 2.93 5.32
C VAL A 63 4.97 1.52 5.55
N ASP A 64 4.54 0.97 6.64
CA ASP A 64 4.93 -0.40 7.00
C ASP A 64 3.81 -1.30 6.58
N PHE A 65 4.05 -2.58 6.46
CA PHE A 65 2.92 -3.44 6.05
C PHE A 65 1.66 -3.09 6.82
N ASP A 66 1.83 -2.39 7.91
CA ASP A 66 0.66 -2.00 8.71
C ASP A 66 -0.07 -0.84 8.04
N ASP A 67 0.68 0.18 7.69
CA ASP A 67 0.03 1.34 7.03
C ASP A 67 -0.44 0.91 5.67
N PHE A 68 0.42 0.18 5.00
CA PHE A 68 0.08 -0.31 3.65
C PHE A 68 -1.29 -0.98 3.67
N VAL A 69 -1.51 -1.76 4.69
CA VAL A 69 -2.82 -2.45 4.79
C VAL A 69 -3.90 -1.43 5.13
N GLU A 70 -3.56 -0.51 5.99
CA GLU A 70 -4.54 0.52 6.39
C GLU A 70 -4.78 1.49 5.23
N LEU A 71 -3.74 1.80 4.51
CA LEU A 71 -3.88 2.73 3.38
C LEU A 71 -4.79 2.12 2.32
N MET A 72 -4.76 0.81 2.23
CA MET A 72 -5.61 0.14 1.23
C MET A 72 -6.96 -0.23 1.83
N GLY A 73 -7.05 -0.08 3.14
CA GLY A 73 -8.33 -0.42 3.84
C GLY A 73 -9.55 0.03 3.01
N PRO A 74 -9.57 1.29 2.69
CA PRO A 74 -10.66 1.87 1.90
C PRO A 74 -10.65 1.36 0.46
N LYS A 75 -10.09 0.19 0.25
CA LYS A 75 -10.06 -0.35 -1.14
C LYS A 75 -10.00 -1.87 -1.16
N LEU A 76 -10.80 -2.50 -0.32
CA LEU A 76 -10.78 -3.99 -0.30
C LEU A 76 -11.88 -4.54 0.61
MG MG B . 11.56 -2.66 2.48
N ASP A 1 -21.76 -9.40 4.33
CA ASP A 1 -21.96 -10.48 5.33
C ASP A 1 -20.63 -10.95 5.89
N ARG A 2 -20.68 -11.51 7.07
CA ARG A 2 -19.42 -11.99 7.69
C ARG A 2 -18.35 -10.91 7.66
N SER A 3 -17.12 -11.31 7.91
CA SER A 3 -16.02 -10.33 7.89
C SER A 3 -15.33 -10.33 6.53
N LEU A 4 -14.12 -9.82 6.50
CA LEU A 4 -13.38 -9.78 5.21
C LEU A 4 -12.83 -11.16 4.87
N ARG A 5 -12.33 -11.30 3.68
CA ARG A 5 -11.78 -12.61 3.26
C ARG A 5 -10.25 -12.64 3.42
N PRO A 6 -9.71 -13.80 3.77
CA PRO A 6 -8.26 -13.94 3.96
C PRO A 6 -7.50 -13.67 2.68
N GLU A 7 -7.94 -14.26 1.60
CA GLU A 7 -7.26 -14.06 0.30
C GLU A 7 -6.87 -12.60 0.10
N GLU A 8 -7.52 -11.74 0.82
CA GLU A 8 -7.18 -10.29 0.70
C GLU A 8 -5.87 -9.97 1.40
N ILE A 9 -5.81 -10.27 2.66
CA ILE A 9 -4.57 -9.99 3.41
C ILE A 9 -3.40 -10.78 2.84
N GLU A 10 -3.70 -11.81 2.11
CA GLU A 10 -2.60 -12.60 1.52
C GLU A 10 -2.09 -11.97 0.25
N GLU A 11 -2.99 -11.50 -0.57
CA GLU A 11 -2.55 -10.86 -1.83
C GLU A 11 -1.81 -9.58 -1.53
N LEU A 12 -2.18 -8.96 -0.44
CA LEU A 12 -1.50 -7.70 -0.08
C LEU A 12 -0.09 -8.00 0.37
N ARG A 13 0.02 -8.82 1.39
CA ARG A 13 1.36 -9.17 1.89
C ARG A 13 2.31 -9.46 0.73
N GLU A 14 1.81 -10.15 -0.27
CA GLU A 14 2.67 -10.46 -1.42
C GLU A 14 3.04 -9.18 -2.14
N ALA A 15 2.08 -8.30 -2.24
CA ALA A 15 2.35 -7.03 -2.92
C ALA A 15 3.39 -6.22 -2.15
N PHE A 16 3.11 -5.99 -0.89
CA PHE A 16 4.08 -5.22 -0.07
C PHE A 16 5.48 -5.77 -0.24
N ARG A 17 5.56 -7.05 -0.35
CA ARG A 17 6.89 -7.69 -0.51
C ARG A 17 7.32 -7.73 -1.96
N GLU A 18 6.48 -8.28 -2.79
CA GLU A 18 6.84 -8.35 -4.23
C GLU A 18 7.39 -7.01 -4.67
N PHE A 19 7.11 -6.00 -3.88
CA PHE A 19 7.59 -4.66 -4.20
C PHE A 19 8.69 -4.23 -3.25
N ASP A 20 8.75 -4.86 -2.10
CA ASP A 20 9.82 -4.47 -1.14
C ASP A 20 11.20 -4.80 -1.71
N LYS A 21 11.80 -5.86 -1.22
CA LYS A 21 13.15 -6.24 -1.73
C LYS A 21 14.17 -5.17 -1.36
N ASP A 22 13.72 -3.95 -1.36
CA ASP A 22 14.62 -2.82 -1.01
C ASP A 22 15.47 -3.16 0.20
N LYS A 23 15.04 -4.13 0.95
CA LYS A 23 15.80 -4.53 2.15
C LYS A 23 15.66 -3.48 3.27
N ASP A 24 14.45 -2.99 3.45
CA ASP A 24 14.20 -1.97 4.50
C ASP A 24 12.91 -2.26 5.27
N GLY A 25 12.24 -3.31 4.88
CA GLY A 25 10.97 -3.67 5.58
C GLY A 25 9.89 -2.62 5.32
N TYR A 26 10.24 -1.58 4.62
CA TYR A 26 9.25 -0.49 4.33
C TYR A 26 9.35 -0.05 2.88
N ILE A 27 8.30 0.59 2.39
CA ILE A 27 8.32 1.07 0.98
C ILE A 27 8.19 2.57 0.90
N ASN A 28 8.79 3.15 -0.11
CA ASN A 28 8.70 4.62 -0.26
C ASN A 28 7.48 5.00 -1.09
N CYS A 29 6.89 6.12 -0.79
CA CYS A 29 5.69 6.54 -1.56
C CYS A 29 5.91 6.31 -3.04
N ARG A 30 7.16 6.18 -3.42
CA ARG A 30 7.46 5.96 -4.85
C ARG A 30 7.04 4.55 -5.22
N ASP A 31 7.66 3.57 -4.61
CA ASP A 31 7.29 2.18 -4.94
C ASP A 31 5.77 2.08 -4.87
N LEU A 32 5.23 2.70 -3.87
CA LEU A 32 3.76 2.67 -3.70
C LEU A 32 3.07 2.91 -5.03
N GLY A 33 3.36 4.04 -5.63
CA GLY A 33 2.72 4.37 -6.94
C GLY A 33 2.66 3.12 -7.81
N ASN A 34 3.73 2.37 -7.80
CA ASN A 34 3.75 1.14 -8.61
C ASN A 34 2.95 0.04 -7.92
N CYS A 35 2.93 0.08 -6.61
CA CYS A 35 2.17 -0.96 -5.88
C CYS A 35 0.70 -0.61 -5.88
N MET A 36 0.43 0.66 -5.84
CA MET A 36 -0.97 1.12 -5.83
C MET A 36 -1.60 0.82 -7.18
N ARG A 37 -0.79 0.86 -8.20
CA ARG A 37 -1.31 0.58 -9.55
C ARG A 37 -1.50 -0.92 -9.75
N THR A 38 -0.68 -1.69 -9.08
CA THR A 38 -0.78 -3.16 -9.22
C THR A 38 -1.81 -3.72 -8.24
N MET A 39 -2.26 -2.87 -7.33
CA MET A 39 -3.28 -3.32 -6.32
C MET A 39 -4.49 -2.41 -6.32
N GLY A 40 -4.30 -1.17 -6.68
CA GLY A 40 -5.46 -0.23 -6.70
C GLY A 40 -6.33 -0.47 -7.93
N TYR A 41 -6.01 -1.50 -8.65
CA TYR A 41 -6.81 -1.82 -9.87
C TYR A 41 -6.96 -0.59 -10.78
N MET A 42 -5.87 -0.20 -11.39
CA MET A 42 -5.91 0.97 -12.29
C MET A 42 -6.59 2.17 -11.62
N PRO A 43 -5.96 2.67 -10.59
CA PRO A 43 -6.46 3.81 -9.83
C PRO A 43 -6.28 5.09 -10.65
N THR A 44 -5.24 5.83 -10.36
CA THR A 44 -4.99 7.08 -11.09
C THR A 44 -3.52 7.26 -11.37
N GLU A 45 -3.15 8.47 -11.72
CA GLU A 45 -1.72 8.76 -12.02
C GLU A 45 -1.24 9.88 -11.09
N MET A 46 -2.07 10.21 -10.14
CA MET A 46 -1.72 11.27 -9.18
C MET A 46 -2.49 11.05 -7.88
N GLU A 47 -3.42 10.14 -7.92
CA GLU A 47 -4.22 9.88 -6.70
C GLU A 47 -3.40 9.11 -5.67
N LEU A 48 -2.67 8.12 -6.14
CA LEU A 48 -1.84 7.35 -5.19
C LEU A 48 -0.98 8.30 -4.38
N ILE A 49 -0.76 9.47 -4.93
CA ILE A 49 0.05 10.47 -4.25
C ILE A 49 -0.72 11.06 -3.07
N GLU A 50 -1.95 11.44 -3.32
CA GLU A 50 -2.75 12.02 -2.23
C GLU A 50 -2.73 11.10 -1.04
N LEU A 51 -2.77 9.83 -1.31
CA LEU A 51 -2.75 8.85 -0.22
C LEU A 51 -1.38 8.85 0.45
N SER A 52 -0.38 8.52 -0.31
CA SER A 52 0.98 8.50 0.26
C SER A 52 1.36 9.89 0.74
N GLN A 53 0.65 10.87 0.25
CA GLN A 53 0.94 12.26 0.68
C GLN A 53 0.37 12.48 2.06
N GLN A 54 -0.77 11.88 2.29
CA GLN A 54 -1.40 12.04 3.61
C GLN A 54 -0.47 11.50 4.67
N ILE A 55 0.19 10.41 4.35
CA ILE A 55 1.13 9.81 5.32
C ILE A 55 2.07 10.89 5.87
N ASN A 56 2.26 11.92 5.10
CA ASN A 56 3.16 13.01 5.54
C ASN A 56 2.92 13.34 7.01
N MET A 57 1.77 12.97 7.50
CA MET A 57 1.45 13.25 8.92
C MET A 57 1.89 12.09 9.80
N ASN A 58 1.80 10.90 9.27
CA ASN A 58 2.20 9.71 10.07
C ASN A 58 3.72 9.60 10.12
N LEU A 59 4.33 9.50 8.96
CA LEU A 59 5.81 9.37 8.89
C LEU A 59 6.39 10.39 7.92
N GLY A 60 6.39 10.04 6.66
CA GLY A 60 6.95 11.00 5.65
C GLY A 60 7.48 10.24 4.42
N GLY A 61 6.58 9.82 3.56
CA GLY A 61 7.03 9.09 2.34
C GLY A 61 7.49 7.69 2.70
N HIS A 62 6.92 7.15 3.73
CA HIS A 62 7.31 5.79 4.15
C HIS A 62 6.16 5.07 4.82
N VAL A 63 5.78 3.95 4.26
CA VAL A 63 4.65 3.18 4.84
C VAL A 63 5.08 1.79 5.25
N ASP A 64 4.55 1.37 6.35
CA ASP A 64 4.88 0.03 6.87
C ASP A 64 3.75 -0.89 6.46
N PHE A 65 3.98 -2.17 6.49
CA PHE A 65 2.88 -3.07 6.09
C PHE A 65 1.59 -2.67 6.78
N ASP A 66 1.69 -1.78 7.74
CA ASP A 66 0.48 -1.35 8.47
C ASP A 66 -0.22 -0.22 7.69
N ASP A 67 0.53 0.77 7.28
CA ASP A 67 -0.09 1.88 6.53
C ASP A 67 -0.43 1.42 5.13
N PHE A 68 0.24 0.38 4.74
CA PHE A 68 0.02 -0.20 3.39
C PHE A 68 -1.28 -0.99 3.39
N VAL A 69 -1.49 -1.73 4.44
CA VAL A 69 -2.72 -2.54 4.55
C VAL A 69 -3.89 -1.64 4.88
N GLU A 70 -3.61 -0.59 5.61
CA GLU A 70 -4.69 0.35 6.00
C GLU A 70 -5.12 1.21 4.81
N LEU A 71 -4.19 1.46 3.92
CA LEU A 71 -4.54 2.31 2.74
C LEU A 71 -5.23 1.48 1.68
N MET A 72 -4.93 0.20 1.65
CA MET A 72 -5.56 -0.69 0.65
C MET A 72 -6.56 -1.64 1.31
N GLY A 73 -6.57 -1.60 2.62
CA GLY A 73 -7.50 -2.49 3.38
C GLY A 73 -8.93 -2.38 2.85
N PRO A 74 -9.54 -1.23 3.07
CA PRO A 74 -10.90 -0.98 2.63
C PRO A 74 -11.06 -1.13 1.12
N LYS A 75 -10.10 -1.79 0.49
CA LYS A 75 -10.16 -2.00 -0.99
C LYS A 75 -10.11 -0.68 -1.76
N LEU A 76 -10.77 0.33 -1.24
CA LEU A 76 -10.77 1.64 -1.94
C LEU A 76 -11.21 1.48 -3.39
MG MG B . 11.56 -0.74 0.28
N ASP A 1 -19.58 -11.69 9.41
CA ASP A 1 -18.81 -10.54 9.95
C ASP A 1 -17.77 -11.01 10.97
N ARG A 2 -17.48 -12.28 10.93
CA ARG A 2 -16.47 -12.82 11.88
C ARG A 2 -15.07 -12.71 11.30
N SER A 3 -14.99 -12.42 10.03
CA SER A 3 -13.67 -12.29 9.39
C SER A 3 -13.71 -11.24 8.29
N LEU A 4 -12.72 -11.26 7.44
CA LEU A 4 -12.69 -10.27 6.34
C LEU A 4 -11.90 -10.79 5.16
N ARG A 5 -12.20 -11.98 4.74
CA ARG A 5 -11.46 -12.56 3.59
C ARG A 5 -9.94 -12.39 3.80
N PRO A 6 -9.37 -13.30 4.55
CA PRO A 6 -7.93 -13.26 4.83
C PRO A 6 -7.11 -13.37 3.55
N GLU A 7 -7.67 -14.01 2.56
CA GLU A 7 -6.93 -14.17 1.29
C GLU A 7 -6.54 -12.80 0.75
N GLU A 8 -7.26 -11.79 1.17
CA GLU A 8 -6.94 -10.43 0.69
C GLU A 8 -5.61 -9.98 1.25
N ILE A 9 -5.53 -9.89 2.54
CA ILE A 9 -4.26 -9.46 3.17
C ILE A 9 -3.09 -10.22 2.57
N GLU A 10 -3.32 -11.46 2.23
CA GLU A 10 -2.22 -12.26 1.63
C GLU A 10 -1.77 -11.63 0.33
N GLU A 11 -2.70 -11.39 -0.56
CA GLU A 11 -2.33 -10.77 -1.85
C GLU A 11 -1.49 -9.54 -1.62
N LEU A 12 -1.98 -8.68 -0.75
CA LEU A 12 -1.22 -7.45 -0.47
C LEU A 12 0.20 -7.77 -0.07
N ARG A 13 0.33 -8.63 0.91
CA ARG A 13 1.69 -9.02 1.37
C ARG A 13 2.58 -9.31 0.18
N GLU A 14 2.06 -10.03 -0.76
CA GLU A 14 2.88 -10.35 -1.94
C GLU A 14 3.32 -9.07 -2.61
N ALA A 15 2.40 -8.15 -2.74
CA ALA A 15 2.76 -6.87 -3.38
C ALA A 15 3.73 -6.12 -2.50
N PHE A 16 3.32 -5.82 -1.29
CA PHE A 16 4.24 -5.09 -0.39
C PHE A 16 5.60 -5.74 -0.42
N ARG A 17 5.59 -7.01 -0.71
CA ARG A 17 6.87 -7.75 -0.76
C ARG A 17 7.50 -7.69 -2.14
N GLU A 18 6.84 -8.29 -3.10
CA GLU A 18 7.38 -8.29 -4.49
C GLU A 18 7.97 -6.93 -4.81
N PHE A 19 7.48 -5.93 -4.13
CA PHE A 19 7.98 -4.56 -4.36
C PHE A 19 9.02 -4.17 -3.32
N ASP A 20 8.92 -4.74 -2.14
CA ASP A 20 9.92 -4.38 -1.09
C ASP A 20 11.08 -5.36 -1.05
N LYS A 21 12.06 -5.13 -1.88
CA LYS A 21 13.21 -6.05 -1.89
C LYS A 21 13.79 -6.15 -0.49
N ASP A 22 13.22 -5.34 0.40
CA ASP A 22 13.68 -5.32 1.81
C ASP A 22 14.95 -4.47 1.97
N LYS A 23 14.75 -3.17 1.98
CA LYS A 23 15.91 -2.24 2.13
C LYS A 23 15.92 -1.59 3.50
N ASP A 24 14.81 -1.62 4.17
CA ASP A 24 14.74 -1.01 5.51
C ASP A 24 13.64 -1.66 6.32
N GLY A 25 12.55 -1.95 5.65
CA GLY A 25 11.39 -2.58 6.34
C GLY A 25 10.10 -1.87 5.95
N TYR A 26 10.23 -0.78 5.24
CA TYR A 26 9.02 -0.02 4.80
C TYR A 26 9.19 0.48 3.37
N ILE A 27 8.09 0.74 2.71
CA ILE A 27 8.18 1.23 1.30
C ILE A 27 8.00 2.74 1.22
N ASN A 28 8.45 3.29 0.12
CA ASN A 28 8.33 4.75 -0.08
C ASN A 28 7.07 5.06 -0.89
N CYS A 29 6.61 6.26 -0.80
CA CYS A 29 5.39 6.63 -1.57
C CYS A 29 5.56 6.39 -3.07
N ARG A 30 6.78 6.27 -3.50
CA ARG A 30 7.02 6.03 -4.95
C ARG A 30 6.85 4.56 -5.30
N ASP A 31 7.08 3.72 -4.35
CA ASP A 31 6.93 2.28 -4.61
C ASP A 31 5.46 1.90 -4.68
N LEU A 32 4.69 2.43 -3.77
CA LEU A 32 3.25 2.09 -3.78
C LEU A 32 2.62 2.42 -5.12
N GLY A 33 2.92 3.59 -5.65
CA GLY A 33 2.33 3.96 -6.97
C GLY A 33 2.35 2.73 -7.86
N ASN A 34 3.37 1.94 -7.67
CA ASN A 34 3.48 0.71 -8.49
C ASN A 34 2.72 -0.44 -7.81
N CYS A 35 2.84 -0.53 -6.50
CA CYS A 35 2.13 -1.62 -5.79
C CYS A 35 0.64 -1.41 -5.92
N MET A 36 0.28 -0.17 -6.04
CA MET A 36 -1.14 0.15 -6.18
C MET A 36 -1.61 -0.26 -7.54
N ARG A 37 -0.98 0.30 -8.55
CA ARG A 37 -1.38 -0.05 -9.93
C ARG A 37 -1.42 -1.56 -10.07
N THR A 38 -0.77 -2.23 -9.15
CA THR A 38 -0.75 -3.71 -9.22
C THR A 38 -1.95 -4.30 -8.47
N MET A 39 -2.42 -3.57 -7.48
CA MET A 39 -3.58 -4.06 -6.70
C MET A 39 -4.60 -2.95 -6.53
N GLY A 40 -4.68 -2.08 -7.53
CA GLY A 40 -5.65 -0.95 -7.45
C GLY A 40 -6.46 -0.86 -8.75
N TYR A 41 -6.30 -1.86 -9.59
CA TYR A 41 -7.04 -1.86 -10.88
C TYR A 41 -6.77 -0.59 -11.69
N MET A 42 -5.51 -0.27 -11.84
CA MET A 42 -5.14 0.95 -12.61
C MET A 42 -5.91 2.19 -12.14
N PRO A 43 -5.59 2.63 -10.95
CA PRO A 43 -6.23 3.81 -10.37
C PRO A 43 -5.86 5.05 -11.18
N THR A 44 -5.67 6.16 -10.51
CA THR A 44 -5.30 7.39 -11.24
C THR A 44 -3.80 7.41 -11.54
N GLU A 45 -3.29 8.58 -11.81
CA GLU A 45 -1.83 8.70 -12.11
C GLU A 45 -1.16 9.65 -11.13
N MET A 46 -1.91 10.09 -10.16
CA MET A 46 -1.35 11.01 -9.15
C MET A 46 -2.18 10.97 -7.87
N GLU A 47 -3.31 10.32 -7.94
CA GLU A 47 -4.15 10.25 -6.73
C GLU A 47 -3.42 9.49 -5.65
N LEU A 48 -2.76 8.42 -6.02
CA LEU A 48 -2.01 7.65 -5.01
C LEU A 48 -1.21 8.61 -4.16
N ILE A 49 -0.45 9.41 -4.85
CA ILE A 49 0.38 10.38 -4.16
C ILE A 49 -0.40 11.08 -3.05
N GLU A 50 -1.62 11.44 -3.34
CA GLU A 50 -2.43 12.11 -2.31
C GLU A 50 -2.60 11.20 -1.11
N LEU A 51 -2.72 9.93 -1.38
CA LEU A 51 -2.88 8.98 -0.27
C LEU A 51 -1.56 8.82 0.45
N SER A 52 -0.53 8.50 -0.29
CA SER A 52 0.78 8.33 0.34
C SER A 52 1.25 9.66 0.91
N GLN A 53 0.55 10.71 0.56
CA GLN A 53 0.93 12.04 1.07
C GLN A 53 0.37 12.18 2.46
N GLN A 54 -0.92 11.93 2.58
CA GLN A 54 -1.53 12.04 3.91
C GLN A 54 -0.65 11.33 4.90
N ILE A 55 -0.02 10.27 4.42
CA ILE A 55 0.86 9.49 5.28
C ILE A 55 1.79 10.43 6.05
N ASN A 56 2.11 11.52 5.41
CA ASN A 56 2.99 12.52 6.05
C ASN A 56 2.50 12.87 7.44
N MET A 57 1.32 12.40 7.75
CA MET A 57 0.75 12.70 9.09
C MET A 57 1.34 11.75 10.12
N ASN A 58 1.77 10.60 9.67
CA ASN A 58 2.36 9.61 10.60
C ASN A 58 3.86 9.79 10.67
N LEU A 59 4.54 9.23 9.70
CA LEU A 59 6.02 9.34 9.67
C LEU A 59 6.46 10.38 8.65
N GLY A 60 6.52 9.99 7.41
CA GLY A 60 6.95 10.96 6.35
C GLY A 60 7.52 10.23 5.14
N GLY A 61 6.67 9.53 4.44
CA GLY A 61 7.17 8.79 3.23
C GLY A 61 7.61 7.37 3.60
N HIS A 62 6.95 6.79 4.57
CA HIS A 62 7.31 5.43 4.99
C HIS A 62 6.07 4.66 5.42
N VAL A 63 5.87 3.50 4.84
CA VAL A 63 4.68 2.69 5.21
C VAL A 63 5.03 1.25 5.50
N ASP A 64 4.52 0.78 6.59
CA ASP A 64 4.78 -0.60 7.00
C ASP A 64 3.64 -1.44 6.46
N PHE A 65 3.83 -2.73 6.38
CA PHE A 65 2.71 -3.53 5.86
C PHE A 65 1.39 -3.13 6.51
N ASP A 66 1.49 -2.37 7.57
CA ASP A 66 0.25 -1.93 8.26
C ASP A 66 -0.32 -0.69 7.57
N ASP A 67 0.53 0.29 7.33
CA ASP A 67 0.02 1.51 6.66
C ASP A 67 -0.31 1.16 5.23
N PHE A 68 0.42 0.22 4.72
CA PHE A 68 0.19 -0.24 3.34
C PHE A 68 -1.22 -0.78 3.24
N VAL A 69 -1.53 -1.70 4.12
CA VAL A 69 -2.88 -2.29 4.11
C VAL A 69 -3.89 -1.21 4.44
N GLU A 70 -3.46 -0.27 5.25
CA GLU A 70 -4.36 0.83 5.64
C GLU A 70 -4.66 1.70 4.43
N LEU A 71 -3.64 2.08 3.72
CA LEU A 71 -3.87 2.93 2.53
C LEU A 71 -4.95 2.31 1.68
N MET A 72 -4.96 1.00 1.65
CA MET A 72 -5.99 0.29 0.85
C MET A 72 -7.23 0.04 1.72
N GLY A 73 -7.08 0.31 2.99
CA GLY A 73 -8.20 0.11 3.96
C GLY A 73 -9.53 0.74 3.49
N PRO A 74 -9.51 2.01 3.10
CA PRO A 74 -10.71 2.70 2.64
C PRO A 74 -11.56 1.83 1.69
N LYS A 75 -10.92 1.24 0.73
CA LYS A 75 -11.71 0.38 -0.20
C LYS A 75 -12.31 -0.80 0.54
N LEU A 76 -11.47 -1.72 0.90
CA LEU A 76 -11.97 -2.91 1.64
C LEU A 76 -12.36 -2.54 3.06
MG MG B . 12.41 -3.21 3.67
N ASP A 1 -24.12 -9.60 8.72
CA ASP A 1 -22.97 -10.09 9.51
C ASP A 1 -21.68 -9.41 9.06
N ARG A 2 -20.57 -9.95 9.48
CA ARG A 2 -19.26 -9.36 9.09
C ARG A 2 -18.26 -10.44 8.71
N SER A 3 -18.45 -11.02 7.56
CA SER A 3 -17.52 -12.10 7.10
C SER A 3 -16.54 -11.56 6.07
N LEU A 4 -15.30 -11.97 6.18
CA LEU A 4 -14.26 -11.50 5.22
C LEU A 4 -13.36 -12.65 4.78
N ARG A 5 -12.77 -12.50 3.62
CA ARG A 5 -11.88 -13.57 3.12
C ARG A 5 -10.41 -13.31 3.53
N PRO A 6 -9.79 -14.24 4.25
CA PRO A 6 -8.40 -14.07 4.67
C PRO A 6 -7.46 -13.94 3.49
N GLU A 7 -7.85 -14.48 2.37
CA GLU A 7 -7.02 -14.40 1.18
C GLU A 7 -6.54 -12.97 0.94
N GLU A 8 -7.40 -12.03 1.21
CA GLU A 8 -7.01 -10.61 1.00
C GLU A 8 -5.71 -10.29 1.72
N ILE A 9 -5.59 -10.77 2.93
CA ILE A 9 -4.35 -10.51 3.70
C ILE A 9 -3.14 -11.14 3.02
N GLU A 10 -3.34 -12.29 2.45
CA GLU A 10 -2.21 -12.96 1.78
C GLU A 10 -1.82 -12.23 0.51
N GLU A 11 -2.78 -11.80 -0.25
CA GLU A 11 -2.47 -11.07 -1.49
C GLU A 11 -1.75 -9.78 -1.18
N LEU A 12 -2.05 -9.22 -0.04
CA LEU A 12 -1.38 -7.95 0.33
C LEU A 12 0.08 -8.20 0.63
N ARG A 13 0.33 -9.10 1.53
CA ARG A 13 1.74 -9.42 1.89
C ARG A 13 2.57 -9.71 0.65
N GLU A 14 1.99 -10.38 -0.31
CA GLU A 14 2.76 -10.69 -1.52
C GLU A 14 3.03 -9.41 -2.31
N ALA A 15 2.04 -8.58 -2.40
CA ALA A 15 2.22 -7.32 -3.15
C ALA A 15 3.22 -6.40 -2.44
N PHE A 16 3.01 -6.20 -1.17
CA PHE A 16 3.94 -5.32 -0.42
C PHE A 16 5.35 -5.83 -0.55
N ARG A 17 5.49 -7.12 -0.63
CA ARG A 17 6.83 -7.70 -0.76
C ARG A 17 7.28 -7.73 -2.21
N GLU A 18 6.46 -8.28 -3.07
CA GLU A 18 6.84 -8.34 -4.49
C GLU A 18 7.36 -6.98 -4.92
N PHE A 19 7.02 -5.98 -4.15
CA PHE A 19 7.46 -4.61 -4.47
C PHE A 19 8.69 -4.25 -3.63
N ASP A 20 8.77 -4.82 -2.45
CA ASP A 20 9.91 -4.52 -1.58
C ASP A 20 11.00 -5.56 -1.79
N LYS A 21 11.64 -5.47 -2.93
CA LYS A 21 12.71 -6.43 -3.24
C LYS A 21 14.04 -5.74 -3.20
N ASP A 22 14.02 -4.50 -2.82
CA ASP A 22 15.28 -3.75 -2.75
C ASP A 22 15.89 -3.91 -1.39
N LYS A 23 15.59 -2.98 -0.53
CA LYS A 23 16.15 -3.04 0.84
C LYS A 23 15.68 -1.85 1.68
N ASP A 24 14.54 -1.99 2.30
CA ASP A 24 14.03 -0.86 3.11
C ASP A 24 13.03 -1.36 4.14
N GLY A 25 12.58 -2.57 3.95
CA GLY A 25 11.60 -3.14 4.91
C GLY A 25 10.35 -2.26 4.94
N TYR A 26 10.41 -1.18 4.18
CA TYR A 26 9.26 -0.24 4.14
C TYR A 26 9.16 0.39 2.75
N ILE A 27 7.94 0.61 2.29
CA ILE A 27 7.78 1.23 0.95
C ILE A 27 7.54 2.72 1.05
N ASN A 28 7.91 3.42 0.01
CA ASN A 28 7.72 4.88 -0.01
C ASN A 28 6.72 5.23 -1.09
N CYS A 29 6.05 6.33 -0.94
CA CYS A 29 5.05 6.72 -1.96
C CYS A 29 5.60 6.45 -3.36
N ARG A 30 6.90 6.58 -3.51
CA ARG A 30 7.49 6.34 -4.84
C ARG A 30 7.12 4.93 -5.29
N ASP A 31 7.58 3.96 -4.54
CA ASP A 31 7.25 2.58 -4.90
C ASP A 31 5.76 2.38 -4.82
N LEU A 32 5.19 2.81 -3.71
CA LEU A 32 3.75 2.67 -3.53
C LEU A 32 3.01 3.03 -4.81
N GLY A 33 3.26 4.23 -5.30
CA GLY A 33 2.58 4.65 -6.56
C GLY A 33 2.58 3.49 -7.54
N ASN A 34 3.68 2.79 -7.56
CA ASN A 34 3.78 1.64 -8.49
C ASN A 34 2.85 0.53 -8.03
N CYS A 35 2.80 0.32 -6.73
CA CYS A 35 1.91 -0.74 -6.20
C CYS A 35 0.47 -0.28 -6.30
N MET A 36 0.29 1.01 -6.22
CA MET A 36 -1.08 1.55 -6.30
C MET A 36 -1.65 1.30 -7.68
N ARG A 37 -0.79 1.29 -8.66
CA ARG A 37 -1.26 1.04 -10.03
C ARG A 37 -1.45 -0.45 -10.26
N THR A 38 -0.69 -1.23 -9.53
CA THR A 38 -0.80 -2.70 -9.67
C THR A 38 -1.89 -3.26 -8.75
N MET A 39 -2.42 -2.41 -7.90
CA MET A 39 -3.48 -2.86 -6.97
C MET A 39 -4.66 -1.88 -6.98
N GLY A 40 -4.40 -0.67 -7.40
CA GLY A 40 -5.50 0.33 -7.44
C GLY A 40 -6.14 0.38 -8.83
N TYR A 41 -5.33 0.59 -9.83
CA TYR A 41 -5.88 0.66 -11.20
C TYR A 41 -7.14 1.52 -11.24
N MET A 42 -7.25 2.40 -10.28
CA MET A 42 -8.44 3.30 -10.23
C MET A 42 -8.09 4.80 -10.21
N PRO A 43 -6.93 5.16 -9.67
CA PRO A 43 -6.51 6.56 -9.61
C PRO A 43 -5.89 7.02 -10.93
N THR A 44 -4.97 7.95 -10.83
CA THR A 44 -4.30 8.46 -12.03
C THR A 44 -2.85 8.01 -12.10
N GLU A 45 -1.98 8.96 -12.16
CA GLU A 45 -0.54 8.66 -12.24
C GLU A 45 0.22 9.56 -11.28
N MET A 46 -0.45 10.58 -10.80
CA MET A 46 0.17 11.52 -9.85
C MET A 46 -0.73 11.73 -8.65
N GLU A 47 -2.01 11.66 -8.87
CA GLU A 47 -2.93 11.85 -7.74
C GLU A 47 -2.73 10.71 -6.76
N LEU A 48 -2.44 9.55 -7.30
CA LEU A 48 -2.22 8.39 -6.42
C LEU A 48 -1.20 8.76 -5.37
N ILE A 49 -0.25 9.58 -5.77
CA ILE A 49 0.79 10.00 -4.83
C ILE A 49 0.16 10.86 -3.75
N GLU A 50 -0.73 11.73 -4.15
CA GLU A 50 -1.40 12.59 -3.16
C GLU A 50 -1.87 11.74 -2.02
N LEU A 51 -2.27 10.55 -2.33
CA LEU A 51 -2.75 9.64 -1.26
C LEU A 51 -1.59 9.24 -0.39
N SER A 52 -0.59 8.69 -0.99
CA SER A 52 0.57 8.28 -0.19
C SER A 52 1.18 9.50 0.46
N GLN A 53 0.73 10.65 0.03
CA GLN A 53 1.24 11.92 0.60
C GLN A 53 0.43 12.22 1.82
N GLN A 54 -0.82 11.87 1.75
CA GLN A 54 -1.70 12.11 2.89
C GLN A 54 -1.07 11.46 4.10
N ILE A 55 -0.47 10.32 3.86
CA ILE A 55 0.18 9.59 4.98
C ILE A 55 1.00 10.58 5.79
N ASN A 56 1.48 11.59 5.12
CA ASN A 56 2.29 12.60 5.82
C ASN A 56 1.64 12.99 7.14
N MET A 57 0.38 12.69 7.27
CA MET A 57 -0.34 13.03 8.53
C MET A 57 -0.13 11.93 9.55
N ASN A 58 0.06 10.73 9.06
CA ASN A 58 0.26 9.58 9.95
C ASN A 58 1.74 9.40 10.27
N LEU A 59 2.50 8.99 9.27
CA LEU A 59 3.95 8.77 9.48
C LEU A 59 4.77 9.87 8.80
N GLY A 60 5.07 9.66 7.55
CA GLY A 60 5.88 10.68 6.82
C GLY A 60 6.44 10.10 5.51
N GLY A 61 5.56 9.82 4.58
CA GLY A 61 6.04 9.26 3.28
C GLY A 61 6.67 7.89 3.51
N HIS A 62 6.12 7.17 4.44
CA HIS A 62 6.65 5.82 4.75
C HIS A 62 5.52 4.94 5.23
N VAL A 63 5.45 3.75 4.69
CA VAL A 63 4.38 2.83 5.12
C VAL A 63 4.90 1.43 5.36
N ASP A 64 4.55 0.91 6.49
CA ASP A 64 4.97 -0.44 6.86
C ASP A 64 3.84 -1.37 6.53
N PHE A 65 4.12 -2.64 6.47
CA PHE A 65 3.02 -3.56 6.14
C PHE A 65 1.78 -3.23 6.98
N ASP A 66 1.96 -2.40 7.96
CA ASP A 66 0.83 -2.02 8.83
C ASP A 66 0.03 -0.87 8.20
N ASP A 67 0.72 0.15 7.74
CA ASP A 67 0.00 1.29 7.13
C ASP A 67 -0.47 0.88 5.75
N PHE A 68 0.16 -0.12 5.23
CA PHE A 68 -0.18 -0.63 3.89
C PHE A 68 -1.44 -1.49 3.99
N VAL A 69 -1.48 -2.29 5.02
CA VAL A 69 -2.66 -3.16 5.21
C VAL A 69 -3.82 -2.32 5.72
N GLU A 70 -3.49 -1.30 6.46
CA GLU A 70 -4.54 -0.42 7.01
C GLU A 70 -5.13 0.44 5.91
N LEU A 71 -4.28 0.91 5.03
CA LEU A 71 -4.79 1.76 3.92
C LEU A 71 -5.68 0.93 3.00
N MET A 72 -5.32 -0.32 2.86
CA MET A 72 -6.12 -1.21 1.98
C MET A 72 -7.25 -1.85 2.79
N GLY A 73 -7.19 -1.64 4.07
CA GLY A 73 -8.23 -2.20 4.98
C GLY A 73 -9.64 -2.11 4.38
N PRO A 74 -10.04 -0.91 4.00
CA PRO A 74 -11.37 -0.68 3.42
C PRO A 74 -11.63 -1.57 2.20
N LYS A 75 -10.79 -2.54 1.99
CA LYS A 75 -10.99 -3.44 0.82
C LYS A 75 -10.95 -2.66 -0.48
N LEU A 76 -10.93 -1.36 -0.38
CA LEU A 76 -10.90 -0.53 -1.61
C LEU A 76 -11.82 -1.10 -2.68
MG MG B . 11.77 -0.38 -0.41
N ASP A 1 -12.17 -9.46 15.39
CA ASP A 1 -11.99 -9.51 13.92
C ASP A 1 -11.77 -10.95 13.45
N ARG A 2 -12.85 -11.63 13.17
CA ARG A 2 -12.71 -13.03 12.70
C ARG A 2 -12.00 -13.09 11.36
N SER A 3 -12.06 -14.23 10.72
CA SER A 3 -11.39 -14.36 9.41
C SER A 3 -12.35 -14.02 8.27
N LEU A 4 -12.55 -12.75 8.06
CA LEU A 4 -13.47 -12.31 6.97
C LEU A 4 -12.92 -12.71 5.61
N ARG A 5 -11.62 -12.68 5.48
CA ARG A 5 -11.02 -13.06 4.17
C ARG A 5 -9.49 -13.08 4.27
N PRO A 6 -8.97 -14.18 4.79
CA PRO A 6 -7.53 -14.34 4.94
C PRO A 6 -6.82 -14.41 3.60
N GLU A 7 -7.30 -15.26 2.74
CA GLU A 7 -6.67 -15.38 1.40
C GLU A 7 -6.49 -14.01 0.76
N GLU A 8 -7.36 -13.09 1.10
CA GLU A 8 -7.24 -11.74 0.51
C GLU A 8 -6.02 -11.03 1.05
N ILE A 9 -5.94 -10.90 2.35
CA ILE A 9 -4.76 -10.21 2.93
C ILE A 9 -3.47 -10.89 2.46
N GLU A 10 -3.54 -12.19 2.28
CA GLU A 10 -2.33 -12.90 1.83
C GLU A 10 -1.85 -12.31 0.51
N GLU A 11 -2.75 -12.20 -0.44
CA GLU A 11 -2.35 -11.63 -1.74
C GLU A 11 -1.73 -10.26 -1.53
N LEU A 12 -2.27 -9.55 -0.59
CA LEU A 12 -1.74 -8.21 -0.31
C LEU A 12 -0.29 -8.32 0.11
N ARG A 13 -0.07 -9.11 1.13
CA ARG A 13 1.32 -9.29 1.62
C ARG A 13 2.28 -9.51 0.45
N GLU A 14 1.90 -10.38 -0.45
CA GLU A 14 2.78 -10.63 -1.61
C GLU A 14 3.14 -9.32 -2.28
N ALA A 15 2.17 -8.44 -2.38
CA ALA A 15 2.44 -7.14 -3.03
C ALA A 15 3.52 -6.39 -2.25
N PHE A 16 3.26 -6.14 -1.00
CA PHE A 16 4.25 -5.42 -0.16
C PHE A 16 5.62 -6.04 -0.33
N ARG A 17 5.62 -7.31 -0.59
CA ARG A 17 6.92 -8.02 -0.77
C ARG A 17 7.49 -7.76 -2.15
N GLU A 18 6.73 -8.08 -3.17
CA GLU A 18 7.22 -7.86 -4.55
C GLU A 18 7.87 -6.49 -4.64
N PHE A 19 7.44 -5.59 -3.77
CA PHE A 19 7.99 -4.23 -3.78
C PHE A 19 8.96 -4.04 -2.62
N ASP A 20 8.93 -4.98 -1.69
CA ASP A 20 9.85 -4.88 -0.53
C ASP A 20 10.34 -6.27 -0.12
N LYS A 21 11.09 -6.88 -1.00
CA LYS A 21 11.62 -8.25 -0.72
C LYS A 21 13.12 -8.21 -0.47
N ASP A 22 13.66 -7.03 -0.46
CA ASP A 22 15.12 -6.91 -0.23
C ASP A 22 15.41 -6.70 1.25
N LYS A 23 15.37 -5.45 1.66
CA LYS A 23 15.64 -5.16 3.09
C LYS A 23 15.38 -3.69 3.42
N ASP A 24 14.12 -3.35 3.57
CA ASP A 24 13.78 -1.95 3.90
C ASP A 24 12.70 -1.93 4.97
N GLY A 25 12.03 -3.05 5.12
CA GLY A 25 10.96 -3.14 6.14
C GLY A 25 9.88 -2.10 5.86
N TYR A 26 10.15 -1.23 4.94
CA TYR A 26 9.15 -0.17 4.60
C TYR A 26 9.27 0.26 3.16
N ILE A 27 8.21 0.84 2.64
CA ILE A 27 8.24 1.31 1.22
C ILE A 27 7.95 2.80 1.14
N ASN A 28 8.41 3.41 0.09
CA ASN A 28 8.17 4.87 -0.08
C ASN A 28 6.97 5.11 -0.97
N CYS A 29 6.23 6.14 -0.69
CA CYS A 29 5.03 6.44 -1.53
C CYS A 29 5.35 6.26 -3.00
N ARG A 30 6.61 6.27 -3.33
CA ARG A 30 6.99 6.09 -4.75
C ARG A 30 6.64 4.69 -5.20
N ASP A 31 7.05 3.71 -4.42
CA ASP A 31 6.74 2.33 -4.79
C ASP A 31 5.24 2.12 -4.79
N LEU A 32 4.60 2.67 -3.80
CA LEU A 32 3.13 2.54 -3.71
C LEU A 32 2.50 2.82 -5.04
N GLY A 33 2.66 4.03 -5.50
CA GLY A 33 2.07 4.40 -6.83
C GLY A 33 2.13 3.21 -7.77
N ASN A 34 3.20 2.47 -7.67
CA ASN A 34 3.35 1.29 -8.54
C ASN A 34 2.70 0.08 -7.89
N CYS A 35 2.80 -0.02 -6.59
CA CYS A 35 2.19 -1.18 -5.89
C CYS A 35 0.68 -0.99 -5.82
N MET A 36 0.29 0.25 -5.73
CA MET A 36 -1.14 0.56 -5.65
C MET A 36 -1.81 0.28 -6.98
N ARG A 37 -1.19 0.73 -8.04
CA ARG A 37 -1.78 0.48 -9.38
C ARG A 37 -1.64 -0.98 -9.75
N THR A 38 -0.75 -1.65 -9.07
CA THR A 38 -0.53 -3.09 -9.35
C THR A 38 -1.62 -3.96 -8.74
N MET A 39 -2.12 -3.57 -7.58
CA MET A 39 -3.20 -4.37 -6.93
C MET A 39 -4.43 -3.52 -6.66
N GLY A 40 -4.32 -2.24 -6.87
CA GLY A 40 -5.49 -1.35 -6.63
C GLY A 40 -6.32 -1.19 -7.91
N TYR A 41 -5.63 -1.09 -9.03
CA TYR A 41 -6.33 -0.93 -10.34
C TYR A 41 -7.58 -0.05 -10.21
N MET A 42 -7.57 0.79 -9.21
CA MET A 42 -8.74 1.69 -8.99
C MET A 42 -8.35 3.18 -8.82
N PRO A 43 -7.17 3.43 -8.25
CA PRO A 43 -6.72 4.81 -8.04
C PRO A 43 -6.35 5.48 -9.35
N THR A 44 -5.96 6.72 -9.27
CA THR A 44 -5.58 7.46 -10.50
C THR A 44 -4.10 7.24 -10.81
N GLU A 45 -3.51 8.24 -11.44
CA GLU A 45 -2.07 8.14 -11.80
C GLU A 45 -1.25 9.19 -11.05
N MET A 46 -1.88 9.85 -10.11
CA MET A 46 -1.14 10.88 -9.34
C MET A 46 -1.91 11.29 -8.09
N GLU A 47 -3.18 10.97 -8.06
CA GLU A 47 -3.98 11.35 -6.88
C GLU A 47 -3.63 10.44 -5.70
N LEU A 48 -3.59 9.17 -5.94
CA LEU A 48 -3.26 8.26 -4.82
C LEU A 48 -2.00 8.75 -4.15
N ILE A 49 -1.17 9.39 -4.93
CA ILE A 49 0.08 9.92 -4.39
C ILE A 49 -0.23 10.99 -3.34
N GLU A 50 -1.16 11.86 -3.66
CA GLU A 50 -1.51 12.91 -2.70
C GLU A 50 -1.78 12.27 -1.36
N LEU A 51 -2.40 11.13 -1.39
CA LEU A 51 -2.70 10.44 -0.12
C LEU A 51 -1.41 10.00 0.55
N SER A 52 -0.66 9.18 -0.14
CA SER A 52 0.61 8.72 0.44
C SER A 52 1.49 9.91 0.75
N GLN A 53 1.20 11.01 0.10
CA GLN A 53 2.00 12.22 0.32
C GLN A 53 1.53 12.87 1.61
N GLN A 54 0.27 12.70 1.89
CA GLN A 54 -0.28 13.30 3.12
C GLN A 54 0.42 12.69 4.32
N ILE A 55 0.73 11.41 4.20
CA ILE A 55 1.43 10.74 5.32
C ILE A 55 2.56 11.62 5.81
N ASN A 56 3.18 12.30 4.88
CA ASN A 56 4.30 13.18 5.26
C ASN A 56 3.91 14.11 6.40
N MET A 57 2.64 14.15 6.72
CA MET A 57 2.17 15.02 7.82
C MET A 57 2.14 14.25 9.14
N ASN A 58 2.85 13.16 9.20
CA ASN A 58 2.86 12.36 10.43
C ASN A 58 4.03 11.38 10.43
N LEU A 59 3.88 10.32 9.68
CA LEU A 59 4.98 9.32 9.62
C LEU A 59 6.21 9.93 8.98
N GLY A 60 6.10 10.24 7.70
CA GLY A 60 7.26 10.85 6.98
C GLY A 60 7.52 10.14 5.65
N GLY A 61 6.47 9.74 4.98
CA GLY A 61 6.67 9.05 3.68
C GLY A 61 7.22 7.64 3.89
N HIS A 62 6.64 6.94 4.82
CA HIS A 62 7.10 5.57 5.10
C HIS A 62 5.94 4.72 5.57
N VAL A 63 5.64 3.69 4.82
CA VAL A 63 4.51 2.81 5.20
C VAL A 63 4.95 1.40 5.52
N ASP A 64 4.45 0.91 6.60
CA ASP A 64 4.80 -0.46 7.04
C ASP A 64 3.68 -1.35 6.57
N PHE A 65 3.89 -2.63 6.52
CA PHE A 65 2.78 -3.50 6.07
C PHE A 65 1.48 -3.10 6.73
N ASP A 66 1.58 -2.30 7.76
CA ASP A 66 0.37 -1.85 8.47
C ASP A 66 -0.26 -0.67 7.73
N ASP A 67 0.54 0.31 7.39
CA ASP A 67 0.00 1.48 6.66
C ASP A 67 -0.34 1.07 5.24
N PHE A 68 0.42 0.12 4.76
CA PHE A 68 0.22 -0.39 3.40
C PHE A 68 -1.14 -1.06 3.31
N VAL A 69 -1.44 -1.85 4.32
CA VAL A 69 -2.74 -2.56 4.34
C VAL A 69 -3.87 -1.56 4.57
N GLU A 70 -3.58 -0.57 5.37
CA GLU A 70 -4.61 0.45 5.66
C GLU A 70 -4.81 1.35 4.46
N LEU A 71 -3.78 1.49 3.67
CA LEU A 71 -3.90 2.35 2.47
C LEU A 71 -4.86 1.71 1.48
N MET A 72 -4.75 0.42 1.33
CA MET A 72 -5.64 -0.29 0.38
C MET A 72 -6.87 -0.83 1.10
N GLY A 73 -6.77 -0.91 2.40
CA GLY A 73 -7.91 -1.43 3.22
C GLY A 73 -9.28 -0.88 2.73
N PRO A 74 -9.41 0.42 2.73
CA PRO A 74 -10.64 1.07 2.30
C PRO A 74 -11.12 0.59 0.93
N LYS A 75 -10.20 0.40 0.03
CA LYS A 75 -10.61 -0.08 -1.33
C LYS A 75 -9.53 -0.95 -1.96
N LEU A 76 -9.87 -2.19 -2.22
CA LEU A 76 -8.88 -3.10 -2.83
C LEU A 76 -8.93 -3.02 -4.35
MG MG B . 13.96 -3.62 0.57
N ASP A 1 -17.89 -15.22 13.82
CA ASP A 1 -18.78 -14.04 13.92
C ASP A 1 -18.65 -13.16 12.68
N ARG A 2 -17.42 -12.88 12.31
CA ARG A 2 -17.20 -12.02 11.12
C ARG A 2 -16.85 -12.87 9.89
N SER A 3 -17.06 -12.31 8.73
CA SER A 3 -16.76 -13.05 7.47
C SER A 3 -15.87 -12.23 6.55
N LEU A 4 -14.77 -12.80 6.14
CA LEU A 4 -13.85 -12.05 5.24
C LEU A 4 -13.11 -12.99 4.29
N ARG A 5 -12.32 -12.42 3.41
CA ARG A 5 -11.55 -13.25 2.45
C ARG A 5 -10.03 -13.12 2.71
N PRO A 6 -9.38 -14.21 3.10
CA PRO A 6 -7.95 -14.18 3.38
C PRO A 6 -7.14 -13.80 2.14
N GLU A 7 -7.48 -14.39 1.02
CA GLU A 7 -6.74 -14.07 -0.22
C GLU A 7 -6.46 -12.58 -0.35
N GLU A 8 -7.27 -11.79 0.27
CA GLU A 8 -7.06 -10.32 0.20
C GLU A 8 -5.82 -9.93 0.97
N ILE A 9 -5.84 -10.17 2.25
CA ILE A 9 -4.66 -9.81 3.08
C ILE A 9 -3.42 -10.50 2.54
N GLU A 10 -3.60 -11.66 1.98
CA GLU A 10 -2.43 -12.38 1.44
C GLU A 10 -1.84 -11.63 0.26
N GLU A 11 -2.68 -11.18 -0.62
CA GLU A 11 -2.18 -10.43 -1.80
C GLU A 11 -1.34 -9.25 -1.34
N LEU A 12 -1.82 -8.54 -0.36
CA LEU A 12 -1.06 -7.38 0.13
C LEU A 12 0.30 -7.82 0.62
N ARG A 13 0.30 -8.75 1.53
CA ARG A 13 1.57 -9.25 2.06
C ARG A 13 2.53 -9.57 0.92
N GLU A 14 2.05 -10.31 -0.03
CA GLU A 14 2.93 -10.65 -1.18
C GLU A 14 3.28 -9.39 -1.95
N ALA A 15 2.33 -8.51 -2.04
CA ALA A 15 2.58 -7.26 -2.77
C ALA A 15 3.61 -6.41 -2.02
N PHE A 16 3.37 -6.19 -0.75
CA PHE A 16 4.33 -5.38 0.03
C PHE A 16 5.71 -5.97 -0.08
N ARG A 17 5.75 -7.24 -0.33
CA ARG A 17 7.07 -7.92 -0.44
C ARG A 17 7.60 -7.89 -1.86
N GLU A 18 6.84 -8.45 -2.78
CA GLU A 18 7.31 -8.45 -4.18
C GLU A 18 7.83 -7.08 -4.54
N PHE A 19 7.48 -6.12 -3.74
CA PHE A 19 7.93 -4.73 -3.99
C PHE A 19 8.98 -4.32 -2.97
N ASP A 20 8.95 -4.92 -1.80
CA ASP A 20 9.96 -4.56 -0.76
C ASP A 20 11.15 -5.51 -0.81
N LYS A 21 11.73 -5.64 -1.97
CA LYS A 21 12.90 -6.55 -2.08
C LYS A 21 14.16 -5.86 -1.56
N ASP A 22 13.97 -4.73 -0.94
CA ASP A 22 15.13 -3.99 -0.40
C ASP A 22 15.32 -4.28 1.09
N LYS A 23 14.39 -5.02 1.63
CA LYS A 23 14.48 -5.37 3.08
C LYS A 23 14.68 -4.11 3.93
N ASP A 24 13.77 -3.17 3.80
CA ASP A 24 13.88 -1.91 4.59
C ASP A 24 12.78 -1.84 5.65
N GLY A 25 11.79 -2.67 5.48
CA GLY A 25 10.66 -2.67 6.47
C GLY A 25 9.63 -1.60 6.11
N TYR A 26 9.96 -0.78 5.15
CA TYR A 26 9.00 0.29 4.75
C TYR A 26 9.15 0.64 3.28
N ILE A 27 8.05 0.90 2.63
CA ILE A 27 8.10 1.25 1.18
C ILE A 27 7.89 2.74 0.99
N ASN A 28 8.35 3.24 -0.11
CA ASN A 28 8.19 4.68 -0.38
C ASN A 28 6.98 4.89 -1.28
N CYS A 29 6.30 5.98 -1.10
CA CYS A 29 5.12 6.24 -1.95
C CYS A 29 5.46 6.03 -3.43
N ARG A 30 6.73 5.87 -3.71
CA ARG A 30 7.13 5.66 -5.12
C ARG A 30 6.68 4.29 -5.58
N ASP A 31 7.18 3.28 -4.94
CA ASP A 31 6.78 1.91 -5.33
C ASP A 31 5.27 1.82 -5.35
N LEU A 32 4.66 2.35 -4.32
CA LEU A 32 3.19 2.32 -4.21
C LEU A 32 2.54 2.57 -5.56
N GLY A 33 2.73 3.75 -6.08
CA GLY A 33 2.13 4.07 -7.41
C GLY A 33 2.20 2.85 -8.31
N ASN A 34 3.32 2.18 -8.26
CA ASN A 34 3.47 0.98 -9.12
C ASN A 34 2.81 -0.23 -8.45
N CYS A 35 2.75 -0.21 -7.13
CA CYS A 35 2.12 -1.36 -6.43
C CYS A 35 0.62 -1.18 -6.45
N MET A 36 0.20 0.04 -6.31
CA MET A 36 -1.23 0.32 -6.31
C MET A 36 -1.83 -0.05 -7.66
N ARG A 37 -1.09 0.24 -8.71
CA ARG A 37 -1.60 -0.09 -10.06
C ARG A 37 -1.62 -1.60 -10.25
N THR A 38 -0.62 -2.25 -9.73
CA THR A 38 -0.55 -3.71 -9.86
C THR A 38 -1.63 -4.37 -9.00
N MET A 39 -2.01 -3.70 -7.95
CA MET A 39 -3.04 -4.26 -7.05
C MET A 39 -4.45 -3.80 -7.44
N GLY A 40 -4.54 -2.56 -7.87
CA GLY A 40 -5.87 -2.03 -8.28
C GLY A 40 -5.74 -1.26 -9.58
N TYR A 41 -5.25 -1.95 -10.58
CA TYR A 41 -5.07 -1.30 -11.91
C TYR A 41 -6.18 -0.31 -12.22
N MET A 42 -5.80 0.76 -12.91
CA MET A 42 -6.76 1.85 -13.31
C MET A 42 -6.78 3.05 -12.33
N PRO A 43 -5.75 3.21 -11.50
CA PRO A 43 -5.72 4.34 -10.56
C PRO A 43 -5.56 5.66 -11.31
N THR A 44 -5.18 6.68 -10.60
CA THR A 44 -4.99 7.98 -11.25
C THR A 44 -3.54 8.12 -11.67
N GLU A 45 -3.06 9.33 -11.63
CA GLU A 45 -1.65 9.57 -12.02
C GLU A 45 -1.02 10.51 -11.01
N MET A 46 -1.69 10.65 -9.90
CA MET A 46 -1.17 11.54 -8.83
C MET A 46 -2.03 11.43 -7.58
N GLU A 47 -3.15 10.77 -7.72
CA GLU A 47 -4.05 10.63 -6.54
C GLU A 47 -3.43 9.71 -5.49
N LEU A 48 -2.92 8.58 -5.91
CA LEU A 48 -2.32 7.67 -4.91
C LEU A 48 -1.37 8.48 -4.05
N ILE A 49 -0.74 9.42 -4.69
CA ILE A 49 0.21 10.27 -3.97
C ILE A 49 -0.51 11.02 -2.85
N GLU A 50 -1.61 11.63 -3.17
CA GLU A 50 -2.35 12.38 -2.12
C GLU A 50 -2.50 11.53 -0.88
N LEU A 51 -2.75 10.25 -1.08
CA LEU A 51 -2.89 9.35 0.07
C LEU A 51 -1.55 9.16 0.74
N SER A 52 -0.61 8.68 -0.01
CA SER A 52 0.73 8.47 0.58
C SER A 52 1.29 9.80 1.04
N GLN A 53 0.72 10.85 0.55
CA GLN A 53 1.20 12.19 0.94
C GLN A 53 0.64 12.52 2.30
N GLN A 54 -0.57 12.09 2.53
CA GLN A 54 -1.20 12.36 3.84
C GLN A 54 -0.35 11.73 4.91
N ILE A 55 0.20 10.57 4.61
CA ILE A 55 1.05 9.89 5.62
C ILE A 55 2.02 10.87 6.24
N ASN A 56 2.41 11.85 5.48
CA ASN A 56 3.34 12.87 5.99
C ASN A 56 2.86 13.45 7.32
N MET A 57 1.65 13.14 7.69
CA MET A 57 1.13 13.67 8.97
C MET A 57 1.48 12.76 10.14
N ASN A 58 2.45 11.90 9.93
CA ASN A 58 2.86 10.98 11.02
C ASN A 58 4.32 10.57 10.85
N LEU A 59 4.57 9.77 9.84
CA LEU A 59 5.96 9.33 9.59
C LEU A 59 6.67 10.27 8.62
N GLY A 60 6.42 10.09 7.34
CA GLY A 60 7.07 10.97 6.34
C GLY A 60 7.42 10.19 5.06
N GLY A 61 6.42 9.79 4.32
CA GLY A 61 6.70 9.04 3.07
C GLY A 61 7.27 7.65 3.39
N HIS A 62 6.71 7.03 4.38
CA HIS A 62 7.21 5.68 4.76
C HIS A 62 6.08 4.87 5.34
N VAL A 63 5.70 3.83 4.64
CA VAL A 63 4.59 2.96 5.13
C VAL A 63 5.06 1.57 5.47
N ASP A 64 4.56 1.09 6.57
CA ASP A 64 4.93 -0.27 7.02
C ASP A 64 3.79 -1.18 6.62
N PHE A 65 4.03 -2.46 6.60
CA PHE A 65 2.91 -3.36 6.19
C PHE A 65 1.59 -2.94 6.85
N ASP A 66 1.67 -2.17 7.92
CA ASP A 66 0.42 -1.73 8.59
C ASP A 66 -0.15 -0.50 7.89
N ASP A 67 0.73 0.41 7.52
CA ASP A 67 0.25 1.63 6.83
C ASP A 67 -0.10 1.26 5.41
N PHE A 68 0.49 0.19 4.96
CA PHE A 68 0.25 -0.30 3.59
C PHE A 68 -1.15 -0.89 3.56
N VAL A 69 -1.44 -1.68 4.54
CA VAL A 69 -2.76 -2.30 4.59
C VAL A 69 -3.79 -1.21 4.80
N GLU A 70 -3.38 -0.19 5.54
CA GLU A 70 -4.31 0.93 5.79
C GLU A 70 -4.71 1.54 4.46
N LEU A 71 -3.73 1.78 3.62
CA LEU A 71 -4.05 2.37 2.31
C LEU A 71 -5.11 1.50 1.65
N MET A 72 -5.05 0.22 1.94
CA MET A 72 -6.04 -0.72 1.36
C MET A 72 -7.32 -0.69 2.18
N GLY A 73 -7.24 0.02 3.29
CA GLY A 73 -8.41 0.16 4.22
C GLY A 73 -9.75 0.09 3.50
N PRO A 74 -9.97 0.98 2.54
CA PRO A 74 -11.21 1.01 1.77
C PRO A 74 -11.64 -0.39 1.31
N LYS A 75 -10.82 -1.36 1.55
CA LYS A 75 -11.17 -2.74 1.13
C LYS A 75 -10.44 -3.77 1.98
N LEU A 76 -10.95 -4.02 3.16
CA LEU A 76 -10.29 -5.01 4.04
C LEU A 76 -10.96 -6.37 3.93
MG MG B . 10.78 -1.14 0.48
N ASP A 1 -17.45 -17.47 11.51
CA ASP A 1 -18.28 -16.36 11.01
C ASP A 1 -17.50 -15.47 10.05
N ARG A 2 -16.41 -16.00 9.54
CA ARG A 2 -15.59 -15.22 8.59
C ARG A 2 -15.23 -13.86 9.18
N SER A 3 -14.13 -13.80 9.89
CA SER A 3 -13.72 -12.52 10.49
C SER A 3 -13.01 -11.64 9.47
N LEU A 4 -11.92 -11.06 9.87
CA LEU A 4 -11.17 -10.17 8.94
C LEU A 4 -10.78 -10.94 7.67
N ARG A 5 -11.40 -10.59 6.58
CA ARG A 5 -11.09 -11.27 5.29
C ARG A 5 -9.58 -11.55 5.15
N PRO A 6 -9.18 -12.81 5.34
CA PRO A 6 -7.76 -13.19 5.25
C PRO A 6 -7.25 -13.07 3.81
N GLU A 7 -8.04 -13.51 2.87
CA GLU A 7 -7.63 -13.45 1.46
C GLU A 7 -7.01 -12.09 1.13
N GLU A 8 -7.72 -11.06 1.46
CA GLU A 8 -7.21 -9.69 1.20
C GLU A 8 -5.82 -9.48 1.78
N ILE A 9 -5.61 -9.98 2.97
CA ILE A 9 -4.27 -9.82 3.61
C ILE A 9 -3.19 -10.56 2.83
N GLU A 10 -3.60 -11.55 2.08
CA GLU A 10 -2.59 -12.31 1.30
C GLU A 10 -2.19 -11.53 0.06
N GLU A 11 -3.15 -11.00 -0.64
CA GLU A 11 -2.82 -10.23 -1.85
C GLU A 11 -2.02 -9.00 -1.48
N LEU A 12 -2.35 -8.42 -0.37
CA LEU A 12 -1.62 -7.21 0.07
C LEU A 12 -0.16 -7.56 0.30
N ARG A 13 0.04 -8.57 1.08
CA ARG A 13 1.42 -9.01 1.39
C ARG A 13 2.25 -9.19 0.13
N GLU A 14 1.75 -9.97 -0.79
CA GLU A 14 2.51 -10.19 -2.05
C GLU A 14 2.96 -8.88 -2.68
N ALA A 15 2.02 -7.99 -2.87
CA ALA A 15 2.39 -6.69 -3.49
C ALA A 15 3.41 -5.94 -2.64
N PHE A 16 3.14 -5.81 -1.36
CA PHE A 16 4.12 -5.08 -0.51
C PHE A 16 5.46 -5.76 -0.58
N ARG A 17 5.44 -7.04 -0.77
CA ARG A 17 6.72 -7.79 -0.86
C ARG A 17 7.28 -7.75 -2.26
N GLU A 18 6.50 -8.23 -3.20
CA GLU A 18 6.97 -8.24 -4.59
C GLU A 18 7.64 -6.92 -4.92
N PHE A 19 7.28 -5.91 -4.18
CA PHE A 19 7.88 -4.58 -4.39
C PHE A 19 8.95 -4.26 -3.35
N ASP A 20 8.91 -4.94 -2.23
CA ASP A 20 9.94 -4.64 -1.19
C ASP A 20 11.19 -5.51 -1.37
N LYS A 21 12.00 -5.18 -2.33
CA LYS A 21 13.23 -5.97 -2.55
C LYS A 21 14.03 -6.05 -1.25
N ASP A 22 13.53 -5.35 -0.26
CA ASP A 22 14.19 -5.32 1.08
C ASP A 22 15.30 -4.26 1.14
N LYS A 23 14.89 -3.03 1.31
CA LYS A 23 15.87 -1.93 1.38
C LYS A 23 16.02 -1.47 2.83
N ASP A 24 15.14 -1.95 3.65
CA ASP A 24 15.18 -1.58 5.08
C ASP A 24 14.03 -2.24 5.82
N GLY A 25 12.92 -2.35 5.13
CA GLY A 25 11.71 -2.98 5.75
C GLY A 25 10.47 -2.10 5.53
N TYR A 26 10.61 -1.10 4.69
CA TYR A 26 9.46 -0.19 4.41
C TYR A 26 9.52 0.35 2.99
N ILE A 27 8.38 0.78 2.48
CA ILE A 27 8.35 1.33 1.08
C ILE A 27 8.02 2.82 1.08
N ASN A 28 8.41 3.48 0.01
CA ASN A 28 8.14 4.93 -0.08
C ASN A 28 6.88 5.21 -0.90
N CYS A 29 6.33 6.37 -0.72
CA CYS A 29 5.11 6.72 -1.48
C CYS A 29 5.31 6.54 -2.97
N ARG A 30 6.48 6.88 -3.45
CA ARG A 30 6.74 6.74 -4.90
C ARG A 30 6.65 5.27 -5.32
N ASP A 31 7.05 4.40 -4.44
CA ASP A 31 6.99 2.95 -4.78
C ASP A 31 5.55 2.49 -4.87
N LEU A 32 4.80 2.69 -3.82
CA LEU A 32 3.39 2.26 -3.86
C LEU A 32 2.72 2.68 -5.14
N GLY A 33 2.94 3.90 -5.54
CA GLY A 33 2.30 4.36 -6.80
C GLY A 33 2.45 3.27 -7.84
N ASN A 34 3.58 2.62 -7.81
CA ASN A 34 3.82 1.53 -8.78
C ASN A 34 3.23 0.22 -8.25
N CYS A 35 3.18 0.09 -6.94
CA CYS A 35 2.62 -1.16 -6.36
C CYS A 35 1.12 -1.12 -6.51
N MET A 36 0.57 0.03 -6.27
CA MET A 36 -0.90 0.19 -6.38
C MET A 36 -1.36 -0.07 -7.80
N ARG A 37 -0.70 0.57 -8.74
CA ARG A 37 -1.09 0.38 -10.16
C ARG A 37 -0.93 -1.09 -10.53
N THR A 38 0.06 -1.73 -9.98
CA THR A 38 0.28 -3.15 -10.29
C THR A 38 -0.72 -4.02 -9.53
N MET A 39 -1.37 -3.43 -8.56
CA MET A 39 -2.35 -4.21 -7.78
C MET A 39 -3.74 -4.19 -8.43
N GLY A 40 -4.01 -3.16 -9.20
CA GLY A 40 -5.34 -3.09 -9.87
C GLY A 40 -5.23 -2.43 -11.25
N TYR A 41 -4.10 -1.85 -11.55
CA TYR A 41 -3.94 -1.20 -12.88
C TYR A 41 -5.17 -0.37 -13.22
N MET A 42 -5.89 0.02 -12.20
CA MET A 42 -7.12 0.82 -12.43
C MET A 42 -6.97 2.29 -11.94
N PRO A 43 -6.18 2.50 -10.90
CA PRO A 43 -5.98 3.84 -10.36
C PRO A 43 -5.17 4.70 -11.32
N THR A 44 -4.96 5.94 -10.96
CA THR A 44 -4.19 6.84 -11.84
C THR A 44 -2.69 6.74 -11.54
N GLU A 45 -1.92 7.63 -12.11
CA GLU A 45 -0.45 7.60 -11.87
C GLU A 45 -0.03 8.77 -10.99
N MET A 46 -0.92 9.24 -10.17
CA MET A 46 -0.57 10.38 -9.29
C MET A 46 -1.54 10.51 -8.13
N GLU A 47 -2.68 9.87 -8.24
CA GLU A 47 -3.65 9.96 -7.12
C GLU A 47 -3.25 9.03 -5.99
N LEU A 48 -2.86 7.83 -6.33
CA LEU A 48 -2.45 6.90 -5.27
C LEU A 48 -1.46 7.60 -4.38
N ILE A 49 -0.77 8.53 -4.97
CA ILE A 49 0.22 9.29 -4.21
C ILE A 49 -0.49 10.18 -3.20
N GLU A 50 -1.54 10.83 -3.64
CA GLU A 50 -2.27 11.70 -2.71
C GLU A 50 -2.59 10.95 -1.43
N LEU A 51 -2.85 9.68 -1.55
CA LEU A 51 -3.16 8.89 -0.35
C LEU A 51 -1.88 8.57 0.40
N SER A 52 -0.88 8.14 -0.32
CA SER A 52 0.38 7.84 0.35
C SER A 52 0.94 9.10 0.96
N GLN A 53 0.45 10.21 0.50
CA GLN A 53 0.93 11.49 1.04
C GLN A 53 0.22 11.74 2.34
N GLN A 54 -1.04 11.40 2.38
CA GLN A 54 -1.78 11.61 3.62
C GLN A 54 -1.02 10.96 4.75
N ILE A 55 -0.42 9.81 4.46
CA ILE A 55 0.35 9.12 5.53
C ILE A 55 1.21 10.12 6.28
N ASN A 56 1.63 11.14 5.57
CA ASN A 56 2.47 12.18 6.20
C ASN A 56 1.91 12.59 7.55
N MET A 57 0.69 12.23 7.79
CA MET A 57 0.08 12.59 9.10
C MET A 57 0.86 11.93 10.23
N ASN A 58 1.95 11.29 9.88
CA ASN A 58 2.76 10.62 10.92
C ASN A 58 4.24 10.58 10.54
N LEU A 59 4.55 9.85 9.49
CA LEU A 59 5.97 9.77 9.06
C LEU A 59 6.26 10.76 7.94
N GLY A 60 6.01 10.35 6.73
CA GLY A 60 6.27 11.25 5.58
C GLY A 60 6.82 10.47 4.38
N GLY A 61 5.94 9.77 3.69
CA GLY A 61 6.40 8.98 2.51
C GLY A 61 7.04 7.66 2.96
N HIS A 62 6.49 7.08 3.99
CA HIS A 62 7.06 5.79 4.48
C HIS A 62 5.95 4.96 5.12
N VAL A 63 5.86 3.70 4.73
CA VAL A 63 4.81 2.84 5.32
C VAL A 63 5.30 1.42 5.59
N ASP A 64 4.73 0.83 6.60
CA ASP A 64 5.10 -0.54 6.97
C ASP A 64 3.94 -1.43 6.57
N PHE A 65 4.16 -2.70 6.45
CA PHE A 65 3.03 -3.55 6.06
C PHE A 65 1.77 -3.20 6.86
N ASP A 66 1.97 -2.48 7.93
CA ASP A 66 0.80 -2.10 8.77
C ASP A 66 0.11 -0.89 8.17
N ASP A 67 0.85 0.14 7.85
CA ASP A 67 0.23 1.34 7.26
C ASP A 67 -0.23 1.01 5.86
N PHE A 68 0.51 0.14 5.24
CA PHE A 68 0.17 -0.28 3.86
C PHE A 68 -1.22 -0.90 3.87
N VAL A 69 -1.42 -1.79 4.81
CA VAL A 69 -2.74 -2.45 4.90
C VAL A 69 -3.80 -1.41 5.25
N GLU A 70 -3.45 -0.51 6.14
CA GLU A 70 -4.42 0.52 6.53
C GLU A 70 -4.60 1.52 5.40
N LEU A 71 -3.67 1.53 4.48
CA LEU A 71 -3.80 2.47 3.35
C LEU A 71 -4.93 2.03 2.45
N MET A 72 -5.04 0.74 2.27
CA MET A 72 -6.13 0.22 1.42
C MET A 72 -7.44 0.15 2.20
N GLY A 73 -7.32 0.14 3.51
CA GLY A 73 -8.56 0.07 4.35
C GLY A 73 -9.64 1.02 3.82
N PRO A 74 -9.32 2.30 3.80
CA PRO A 74 -10.24 3.32 3.31
C PRO A 74 -10.62 3.11 1.84
N LYS A 75 -10.71 1.86 1.46
CA LYS A 75 -11.08 1.54 0.06
C LYS A 75 -11.98 0.31 0.02
N LEU A 76 -12.13 -0.31 1.16
CA LEU A 76 -12.98 -1.51 1.24
C LEU A 76 -14.44 -1.16 0.95
MG MG B . 13.02 -3.42 3.19
N ASP A 1 -20.20 -6.11 6.94
CA ASP A 1 -19.24 -6.07 8.07
C ASP A 1 -18.72 -7.48 8.38
N ARG A 2 -19.33 -8.46 7.77
CA ARG A 2 -18.88 -9.85 8.02
C ARG A 2 -17.40 -10.02 7.70
N SER A 3 -16.87 -11.18 7.99
CA SER A 3 -15.43 -11.43 7.71
C SER A 3 -15.07 -10.98 6.30
N LEU A 4 -13.93 -10.35 6.17
CA LEU A 4 -13.48 -9.87 4.83
C LEU A 4 -12.52 -10.87 4.20
N ARG A 5 -12.48 -10.87 2.89
CA ARG A 5 -11.56 -11.81 2.18
C ARG A 5 -10.17 -11.84 2.85
N PRO A 6 -9.84 -12.94 3.52
CA PRO A 6 -8.54 -13.06 4.19
C PRO A 6 -7.40 -13.14 3.18
N GLU A 7 -7.60 -13.91 2.14
CA GLU A 7 -6.53 -14.04 1.11
C GLU A 7 -5.90 -12.69 0.79
N GLU A 8 -6.72 -11.68 0.76
CA GLU A 8 -6.19 -10.33 0.45
C GLU A 8 -4.97 -10.04 1.30
N ILE A 9 -5.08 -10.29 2.57
CA ILE A 9 -3.93 -10.03 3.47
C ILE A 9 -2.71 -10.81 3.00
N GLU A 10 -2.93 -12.05 2.62
CA GLU A 10 -1.79 -12.87 2.16
C GLU A 10 -1.26 -12.35 0.83
N GLU A 11 -2.16 -12.11 -0.08
CA GLU A 11 -1.71 -11.60 -1.39
C GLU A 11 -1.01 -10.26 -1.23
N LEU A 12 -1.48 -9.48 -0.29
CA LEU A 12 -0.84 -8.17 -0.06
C LEU A 12 0.58 -8.35 0.40
N ARG A 13 0.74 -9.13 1.43
CA ARG A 13 2.10 -9.37 1.95
C ARG A 13 3.05 -9.67 0.80
N GLU A 14 2.59 -10.46 -0.13
CA GLU A 14 3.46 -10.80 -1.29
C GLU A 14 3.71 -9.56 -2.12
N ALA A 15 2.68 -8.77 -2.28
CA ALA A 15 2.84 -7.53 -3.09
C ALA A 15 3.79 -6.57 -2.37
N PHE A 16 3.51 -6.32 -1.11
CA PHE A 16 4.37 -5.40 -0.35
C PHE A 16 5.82 -5.84 -0.47
N ARG A 17 6.00 -7.11 -0.55
CA ARG A 17 7.37 -7.66 -0.68
C ARG A 17 7.86 -7.60 -2.12
N GLU A 18 7.13 -8.23 -3.01
CA GLU A 18 7.53 -8.21 -4.43
C GLU A 18 7.94 -6.80 -4.84
N PHE A 19 7.53 -5.84 -4.04
CA PHE A 19 7.86 -4.43 -4.34
C PHE A 19 8.92 -3.91 -3.36
N ASP A 20 9.04 -4.57 -2.24
CA ASP A 20 10.04 -4.12 -1.24
C ASP A 20 11.46 -4.28 -1.76
N LYS A 21 12.18 -5.23 -1.23
CA LYS A 21 13.58 -5.45 -1.69
C LYS A 21 14.38 -4.15 -1.63
N ASP A 22 13.75 -3.12 -1.17
CA ASP A 22 14.46 -1.81 -1.07
C ASP A 22 15.36 -1.79 0.15
N LYS A 23 15.44 -2.90 0.82
CA LYS A 23 16.30 -2.98 2.04
C LYS A 23 16.02 -1.80 2.97
N ASP A 24 14.81 -1.70 3.43
CA ASP A 24 14.46 -0.59 4.35
C ASP A 24 13.36 -1.02 5.32
N GLY A 25 12.66 -2.05 4.95
CA GLY A 25 11.56 -2.55 5.84
C GLY A 25 10.28 -1.74 5.61
N TYR A 26 10.32 -0.81 4.70
CA TYR A 26 9.10 0.00 4.45
C TYR A 26 9.05 0.45 2.99
N ILE A 27 7.85 0.54 2.45
CA ILE A 27 7.71 0.97 1.03
C ILE A 27 7.53 2.48 0.93
N ASN A 28 8.06 3.04 -0.12
CA ASN A 28 7.92 4.50 -0.31
C ASN A 28 6.68 4.80 -1.14
N CYS A 29 6.08 5.93 -0.87
CA CYS A 29 4.85 6.29 -1.64
C CYS A 29 5.09 6.11 -3.13
N ARG A 30 6.32 5.89 -3.50
CA ARG A 30 6.61 5.71 -4.94
C ARG A 30 6.29 4.30 -5.34
N ASP A 31 6.88 3.34 -4.66
CA ASP A 31 6.59 1.94 -5.00
C ASP A 31 5.08 1.76 -5.07
N LEU A 32 4.40 2.37 -4.13
CA LEU A 32 2.94 2.25 -4.10
C LEU A 32 2.37 2.43 -5.49
N GLY A 33 2.62 3.57 -6.05
CA GLY A 33 2.11 3.85 -7.44
C GLY A 33 2.12 2.58 -8.26
N ASN A 34 3.18 1.83 -8.11
CA ASN A 34 3.28 0.58 -8.88
C ASN A 34 2.49 -0.53 -8.16
N CYS A 35 2.49 -0.50 -6.85
CA CYS A 35 1.74 -1.55 -6.11
C CYS A 35 0.26 -1.24 -6.14
N MET A 36 -0.05 0.03 -6.15
CA MET A 36 -1.47 0.43 -6.19
C MET A 36 -2.08 0.06 -7.53
N ARG A 37 -1.32 0.25 -8.58
CA ARG A 37 -1.85 -0.10 -9.92
C ARG A 37 -1.85 -1.61 -10.11
N THR A 38 -1.03 -2.28 -9.36
CA THR A 38 -0.98 -3.76 -9.47
C THR A 38 -2.20 -4.44 -8.85
N MET A 39 -2.66 -3.91 -7.74
CA MET A 39 -3.85 -4.52 -7.08
C MET A 39 -4.76 -3.45 -6.50
N GLY A 40 -4.60 -2.25 -7.00
CA GLY A 40 -5.45 -1.14 -6.51
C GLY A 40 -5.86 -0.23 -7.66
N TYR A 41 -5.67 -0.71 -8.87
CA TYR A 41 -6.04 0.11 -10.06
C TYR A 41 -7.34 0.88 -9.83
N MET A 42 -7.26 2.18 -9.89
CA MET A 42 -8.47 3.01 -9.68
C MET A 42 -8.13 4.51 -9.48
N PRO A 43 -7.13 4.80 -8.66
CA PRO A 43 -6.73 6.18 -8.41
C PRO A 43 -6.20 6.85 -9.68
N THR A 44 -5.54 7.97 -9.51
CA THR A 44 -5.00 8.68 -10.68
C THR A 44 -3.52 8.34 -10.89
N GLU A 45 -2.80 9.28 -11.49
CA GLU A 45 -1.36 9.04 -11.74
C GLU A 45 -0.50 9.87 -10.79
N MET A 46 -1.12 10.75 -10.06
CA MET A 46 -0.34 11.58 -9.11
C MET A 46 -1.15 11.93 -7.88
N GLU A 47 -2.43 11.70 -7.94
CA GLU A 47 -3.27 12.01 -6.76
C GLU A 47 -3.01 11.02 -5.65
N LEU A 48 -2.79 9.79 -6.03
CA LEU A 48 -2.52 8.77 -4.98
C LEU A 48 -1.35 9.24 -4.14
N ILE A 49 -0.46 9.94 -4.78
CA ILE A 49 0.72 10.44 -4.08
C ILE A 49 0.29 11.40 -2.99
N GLU A 50 -0.67 12.23 -3.29
CA GLU A 50 -1.14 13.20 -2.28
C GLU A 50 -1.61 12.44 -1.05
N LEU A 51 -2.20 11.29 -1.28
CA LEU A 51 -2.69 10.49 -0.12
C LEU A 51 -1.51 9.93 0.64
N SER A 52 -0.64 9.27 -0.08
CA SER A 52 0.54 8.69 0.59
C SER A 52 1.40 9.80 1.16
N GLN A 53 1.10 10.99 0.73
CA GLN A 53 1.88 12.14 1.23
C GLN A 53 1.24 12.62 2.49
N GLN A 54 -0.05 12.41 2.58
CA GLN A 54 -0.76 12.83 3.78
C GLN A 54 -0.18 12.07 4.95
N ILE A 55 0.17 10.82 4.69
CA ILE A 55 0.76 10.00 5.77
C ILE A 55 1.78 10.82 6.54
N ASN A 56 2.39 11.74 5.84
CA ASN A 56 3.40 12.59 6.48
C ASN A 56 2.87 13.16 7.78
N MET A 57 1.59 13.06 7.96
CA MET A 57 0.98 13.58 9.22
C MET A 57 0.99 12.51 10.29
N ASN A 58 1.56 11.38 9.97
CA ASN A 58 1.61 10.27 10.95
C ASN A 58 2.97 9.59 10.93
N LEU A 59 3.24 8.92 9.84
CA LEU A 59 4.54 8.22 9.73
C LEU A 59 5.59 9.13 9.12
N GLY A 60 5.57 9.25 7.83
CA GLY A 60 6.58 10.13 7.16
C GLY A 60 6.83 9.69 5.71
N GLY A 61 5.77 9.62 4.93
CA GLY A 61 5.94 9.20 3.51
C GLY A 61 6.46 7.77 3.45
N HIS A 62 6.15 7.02 4.47
CA HIS A 62 6.61 5.61 4.53
C HIS A 62 5.52 4.76 5.13
N VAL A 63 5.11 3.75 4.41
CA VAL A 63 4.04 2.86 4.94
C VAL A 63 4.58 1.48 5.30
N ASP A 64 4.03 0.95 6.35
CA ASP A 64 4.42 -0.38 6.82
C ASP A 64 3.36 -1.35 6.38
N PHE A 65 3.64 -2.62 6.35
CA PHE A 65 2.58 -3.56 5.91
C PHE A 65 1.24 -3.20 6.55
N ASP A 66 1.29 -2.43 7.61
CA ASP A 66 0.04 -2.03 8.28
C ASP A 66 -0.56 -0.80 7.60
N ASP A 67 0.27 0.18 7.34
CA ASP A 67 -0.25 1.40 6.67
C ASP A 67 -0.58 1.05 5.24
N PHE A 68 0.03 -0.02 4.81
CA PHE A 68 -0.17 -0.53 3.43
C PHE A 68 -1.58 -1.13 3.32
N VAL A 69 -1.84 -2.06 4.19
CA VAL A 69 -3.17 -2.71 4.17
C VAL A 69 -4.23 -1.66 4.48
N GLU A 70 -3.90 -0.77 5.38
CA GLU A 70 -4.86 0.28 5.74
C GLU A 70 -5.05 1.23 4.57
N LEU A 71 -4.00 1.45 3.82
CA LEU A 71 -4.13 2.36 2.66
C LEU A 71 -5.25 1.89 1.77
N MET A 72 -5.33 0.59 1.60
CA MET A 72 -6.40 0.02 0.75
C MET A 72 -7.68 -0.25 1.56
N GLY A 73 -7.55 -0.12 2.85
CA GLY A 73 -8.73 -0.36 3.74
C GLY A 73 -10.00 0.39 3.28
N PRO A 74 -9.89 1.70 3.18
CA PRO A 74 -11.02 2.54 2.75
C PRO A 74 -11.66 2.06 1.45
N LYS A 75 -10.88 1.39 0.64
CA LYS A 75 -11.44 0.88 -0.64
C LYS A 75 -10.80 -0.45 -1.00
N LEU A 76 -10.85 -1.36 -0.08
CA LEU A 76 -10.26 -2.70 -0.32
C LEU A 76 -10.99 -3.41 -1.45
MG MG B . 11.75 -1.21 2.71
N ASP A 1 -16.96 -7.28 5.31
CA ASP A 1 -17.66 -8.53 5.68
C ASP A 1 -17.26 -8.98 7.08
N ARG A 2 -17.99 -9.92 7.60
CA ARG A 2 -17.67 -10.41 8.97
C ARG A 2 -16.42 -11.27 8.95
N SER A 3 -15.48 -10.95 9.80
CA SER A 3 -14.24 -11.75 9.85
C SER A 3 -13.44 -11.60 8.56
N LEU A 4 -14.04 -10.95 7.60
CA LEU A 4 -13.34 -10.76 6.30
C LEU A 4 -12.75 -12.08 5.81
N ARG A 5 -11.62 -12.00 5.16
CA ARG A 5 -10.99 -13.24 4.65
C ARG A 5 -9.45 -13.11 4.66
N PRO A 6 -8.76 -14.01 5.36
CA PRO A 6 -7.30 -13.97 5.43
C PRO A 6 -6.66 -14.14 4.05
N GLU A 7 -7.43 -14.60 3.11
CA GLU A 7 -6.88 -14.80 1.74
C GLU A 7 -6.44 -13.46 1.15
N GLU A 8 -7.39 -12.60 0.93
CA GLU A 8 -7.05 -11.28 0.37
C GLU A 8 -5.86 -10.66 1.07
N ILE A 9 -5.80 -10.84 2.37
CA ILE A 9 -4.66 -10.28 3.13
C ILE A 9 -3.35 -10.84 2.63
N GLU A 10 -3.35 -12.10 2.31
CA GLU A 10 -2.11 -12.73 1.81
C GLU A 10 -1.66 -12.08 0.50
N GLU A 11 -2.59 -11.86 -0.38
CA GLU A 11 -2.23 -11.22 -1.67
C GLU A 11 -1.58 -9.86 -1.42
N LEU A 12 -2.09 -9.16 -0.45
CA LEU A 12 -1.52 -7.83 -0.15
C LEU A 12 -0.05 -7.98 0.23
N ARG A 13 0.18 -8.76 1.24
CA ARG A 13 1.58 -8.97 1.69
C ARG A 13 2.48 -9.34 0.53
N GLU A 14 2.04 -10.26 -0.28
CA GLU A 14 2.88 -10.66 -1.42
C GLU A 14 3.30 -9.43 -2.22
N ALA A 15 2.36 -8.58 -2.51
CA ALA A 15 2.70 -7.37 -3.28
C ALA A 15 3.67 -6.49 -2.49
N PHE A 16 3.27 -6.09 -1.31
CA PHE A 16 4.16 -5.25 -0.49
C PHE A 16 5.55 -5.84 -0.43
N ARG A 17 5.59 -7.14 -0.49
CA ARG A 17 6.91 -7.82 -0.45
C ARG A 17 7.59 -7.82 -1.81
N GLU A 18 6.96 -8.44 -2.77
CA GLU A 18 7.56 -8.46 -4.11
C GLU A 18 8.04 -7.08 -4.48
N PHE A 19 7.48 -6.11 -3.82
CA PHE A 19 7.87 -4.71 -4.10
C PHE A 19 8.92 -4.25 -3.12
N ASP A 20 8.98 -4.91 -1.98
CA ASP A 20 9.99 -4.51 -0.98
C ASP A 20 11.40 -4.80 -1.48
N LYS A 21 11.61 -4.57 -2.75
CA LYS A 21 12.96 -4.83 -3.33
C LYS A 21 13.99 -3.85 -2.77
N ASP A 22 13.52 -2.92 -1.98
CA ASP A 22 14.46 -1.93 -1.41
C ASP A 22 15.20 -2.52 -0.20
N LYS A 23 14.61 -3.52 0.40
CA LYS A 23 15.26 -4.16 1.58
C LYS A 23 15.42 -3.16 2.73
N ASP A 24 14.33 -2.86 3.38
CA ASP A 24 14.41 -1.90 4.53
C ASP A 24 13.28 -2.14 5.52
N GLY A 25 12.20 -2.72 5.05
CA GLY A 25 11.05 -2.99 5.97
C GLY A 25 9.88 -2.03 5.67
N TYR A 26 10.13 -1.10 4.78
CA TYR A 26 9.06 -0.12 4.44
C TYR A 26 9.19 0.33 3.00
N ILE A 27 8.09 0.76 2.41
CA ILE A 27 8.15 1.23 0.99
C ILE A 27 7.96 2.74 0.89
N ASN A 28 8.42 3.30 -0.19
CA ASN A 28 8.28 4.76 -0.36
C ASN A 28 7.04 5.10 -1.18
N CYS A 29 6.58 6.31 -1.07
CA CYS A 29 5.38 6.72 -1.83
C CYS A 29 5.58 6.53 -3.33
N ARG A 30 6.82 6.45 -3.74
CA ARG A 30 7.10 6.27 -5.19
C ARG A 30 6.88 4.83 -5.62
N ASP A 31 6.99 3.92 -4.69
CA ASP A 31 6.79 2.51 -5.04
C ASP A 31 5.31 2.14 -5.03
N LEU A 32 4.61 2.61 -4.04
CA LEU A 32 3.17 2.29 -3.97
C LEU A 32 2.44 2.68 -5.24
N GLY A 33 2.62 3.90 -5.69
CA GLY A 33 1.92 4.32 -6.92
C GLY A 33 2.04 3.20 -7.94
N ASN A 34 3.16 2.51 -7.88
CA ASN A 34 3.38 1.40 -8.83
C ASN A 34 2.79 0.12 -8.24
N CYS A 35 2.86 -0.01 -6.93
CA CYS A 35 2.31 -1.23 -6.30
C CYS A 35 0.80 -1.21 -6.39
N MET A 36 0.25 -0.05 -6.26
CA MET A 36 -1.22 0.11 -6.32
C MET A 36 -1.71 -0.09 -7.75
N ARG A 37 -1.09 0.57 -8.68
CA ARG A 37 -1.50 0.43 -10.09
C ARG A 37 -1.26 -1.00 -10.58
N THR A 38 -0.41 -1.71 -9.88
CA THR A 38 -0.12 -3.10 -10.29
C THR A 38 -1.18 -4.07 -9.74
N MET A 39 -1.71 -3.75 -8.59
CA MET A 39 -2.74 -4.63 -7.99
C MET A 39 -4.16 -4.16 -8.30
N GLY A 40 -4.28 -2.92 -8.73
CA GLY A 40 -5.64 -2.38 -9.05
C GLY A 40 -5.71 -1.89 -10.50
N TYR A 41 -4.66 -1.25 -10.95
CA TYR A 41 -4.69 -0.74 -12.34
C TYR A 41 -5.98 0.01 -12.62
N MET A 42 -6.63 0.38 -11.54
CA MET A 42 -7.91 1.12 -11.67
C MET A 42 -7.81 2.59 -11.15
N PRO A 43 -6.92 2.83 -10.18
CA PRO A 43 -6.76 4.18 -9.63
C PRO A 43 -6.20 5.14 -10.67
N THR A 44 -5.84 6.32 -10.22
CA THR A 44 -5.28 7.32 -11.16
C THR A 44 -3.76 7.24 -11.21
N GLU A 45 -3.15 8.35 -11.53
CA GLU A 45 -1.67 8.38 -11.61
C GLU A 45 -1.12 9.54 -10.78
N MET A 46 -1.90 9.97 -9.82
CA MET A 46 -1.46 11.09 -8.96
C MET A 46 -2.26 11.11 -7.67
N GLU A 47 -3.38 10.44 -7.66
CA GLU A 47 -4.20 10.42 -6.43
C GLU A 47 -3.47 9.67 -5.34
N LEU A 48 -2.90 8.55 -5.70
CA LEU A 48 -2.16 7.76 -4.71
C LEU A 48 -1.25 8.67 -3.94
N ILE A 49 -0.56 9.51 -4.66
CA ILE A 49 0.34 10.44 -4.02
C ILE A 49 -0.35 11.12 -2.86
N GLU A 50 -1.54 11.60 -3.09
CA GLU A 50 -2.27 12.27 -2.01
C GLU A 50 -2.31 11.39 -0.78
N LEU A 51 -2.56 10.12 -1.00
CA LEU A 51 -2.62 9.19 0.16
C LEU A 51 -1.23 9.00 0.74
N SER A 52 -0.32 8.57 -0.10
CA SER A 52 1.06 8.36 0.38
C SER A 52 1.66 9.69 0.84
N GLN A 53 1.02 10.76 0.41
CA GLN A 53 1.52 12.09 0.80
C GLN A 53 1.06 12.39 2.20
N GLN A 54 -0.16 12.02 2.48
CA GLN A 54 -0.71 12.26 3.82
C GLN A 54 0.23 11.66 4.85
N ILE A 55 0.75 10.50 4.53
CA ILE A 55 1.68 9.84 5.49
C ILE A 55 2.70 10.86 5.99
N ASN A 56 3.00 11.82 5.15
CA ASN A 56 3.98 12.86 5.54
C ASN A 56 3.72 13.36 6.96
N MET A 57 2.47 13.50 7.29
CA MET A 57 2.12 14.00 8.65
C MET A 57 2.38 12.91 9.70
N ASN A 58 2.33 11.68 9.28
CA ASN A 58 2.57 10.57 10.23
C ASN A 58 4.04 10.21 10.30
N LEU A 59 4.48 9.46 9.33
CA LEU A 59 5.92 9.05 9.31
C LEU A 59 6.74 9.98 8.43
N GLY A 60 6.70 9.73 7.14
CA GLY A 60 7.48 10.60 6.22
C GLY A 60 7.90 9.83 4.96
N GLY A 61 6.94 9.49 4.14
CA GLY A 61 7.26 8.74 2.90
C GLY A 61 7.74 7.33 3.22
N HIS A 62 7.19 6.78 4.26
CA HIS A 62 7.59 5.41 4.65
C HIS A 62 6.43 4.70 5.31
N VAL A 63 5.81 3.81 4.60
CA VAL A 63 4.66 3.07 5.17
C VAL A 63 5.04 1.65 5.55
N ASP A 64 4.41 1.19 6.59
CA ASP A 64 4.67 -0.17 7.07
C ASP A 64 3.51 -1.03 6.64
N PHE A 65 3.68 -2.30 6.61
CA PHE A 65 2.55 -3.15 6.19
C PHE A 65 1.26 -2.74 6.88
N ASP A 66 1.36 -1.92 7.88
CA ASP A 66 0.15 -1.48 8.59
C ASP A 66 -0.52 -0.32 7.85
N ASP A 67 0.25 0.68 7.52
CA ASP A 67 -0.35 1.82 6.80
C ASP A 67 -0.75 1.35 5.42
N PHE A 68 0.08 0.52 4.88
CA PHE A 68 -0.17 -0.03 3.54
C PHE A 68 -1.52 -0.74 3.50
N VAL A 69 -1.73 -1.59 4.48
CA VAL A 69 -3.02 -2.32 4.54
C VAL A 69 -4.15 -1.36 4.92
N GLU A 70 -3.84 -0.45 5.80
CA GLU A 70 -4.87 0.52 6.24
C GLU A 70 -5.20 1.52 5.13
N LEU A 71 -4.21 1.85 4.33
CA LEU A 71 -4.48 2.82 3.23
C LEU A 71 -5.26 2.16 2.11
N MET A 72 -5.16 0.86 2.04
CA MET A 72 -5.91 0.14 0.98
C MET A 72 -7.36 -0.07 1.38
N GLY A 73 -7.58 -0.21 2.66
CA GLY A 73 -8.98 -0.42 3.15
C GLY A 73 -10.00 0.53 2.49
N PRO A 74 -9.72 1.82 2.54
CA PRO A 74 -10.61 2.82 1.95
C PRO A 74 -10.83 2.62 0.44
N LYS A 75 -9.83 2.13 -0.25
CA LYS A 75 -9.99 1.93 -1.72
C LYS A 75 -11.09 0.91 -2.02
N LEU A 76 -11.67 0.34 -0.99
CA LEU A 76 -12.75 -0.65 -1.22
C LEU A 76 -14.08 0.05 -1.44
MG MG B . 12.89 -2.60 1.68
N ASP A 1 -9.20 -17.97 14.13
CA ASP A 1 -10.41 -18.14 13.29
C ASP A 1 -11.26 -16.88 13.30
N ARG A 2 -10.73 -15.83 12.74
CA ARG A 2 -11.50 -14.57 12.70
C ARG A 2 -10.89 -13.57 11.71
N SER A 3 -10.11 -14.08 10.80
CA SER A 3 -9.48 -13.17 9.80
C SER A 3 -10.53 -12.49 8.94
N LEU A 4 -10.52 -11.19 8.93
CA LEU A 4 -11.51 -10.45 8.11
C LEU A 4 -11.48 -10.92 6.66
N ARG A 5 -10.41 -10.61 5.97
CA ARG A 5 -10.28 -11.03 4.55
C ARG A 5 -8.87 -11.60 4.28
N PRO A 6 -8.75 -12.93 4.32
CA PRO A 6 -7.46 -13.59 4.08
C PRO A 6 -6.92 -13.32 2.68
N GLU A 7 -7.52 -13.97 1.69
CA GLU A 7 -7.07 -13.79 0.29
C GLU A 7 -6.62 -12.36 0.05
N GLU A 8 -7.30 -11.45 0.65
CA GLU A 8 -6.94 -10.04 0.48
C GLU A 8 -5.57 -9.77 1.09
N ILE A 9 -5.46 -9.99 2.37
CA ILE A 9 -4.15 -9.76 3.04
C ILE A 9 -3.06 -10.57 2.36
N GLU A 10 -3.43 -11.72 1.87
CA GLU A 10 -2.44 -12.57 1.20
C GLU A 10 -1.87 -11.88 -0.03
N GLU A 11 -2.73 -11.32 -0.83
CA GLU A 11 -2.26 -10.64 -2.03
C GLU A 11 -1.36 -9.47 -1.66
N LEU A 12 -1.83 -8.65 -0.75
CA LEU A 12 -1.01 -7.50 -0.34
C LEU A 12 0.36 -7.97 0.10
N ARG A 13 0.37 -9.02 0.88
CA ARG A 13 1.67 -9.54 1.35
C ARG A 13 2.64 -9.67 0.19
N GLU A 14 2.23 -10.36 -0.83
CA GLU A 14 3.13 -10.53 -1.98
C GLU A 14 3.48 -9.18 -2.57
N ALA A 15 2.53 -8.29 -2.56
CA ALA A 15 2.82 -6.96 -3.11
C ALA A 15 3.81 -6.23 -2.21
N PHE A 16 3.45 -6.06 -0.97
CA PHE A 16 4.39 -5.34 -0.07
C PHE A 16 5.74 -6.01 -0.15
N ARG A 17 5.71 -7.28 -0.36
CA ARG A 17 6.99 -8.04 -0.45
C ARG A 17 7.67 -7.84 -1.79
N GLU A 18 7.01 -8.24 -2.84
CA GLU A 18 7.62 -8.08 -4.18
C GLU A 18 8.25 -6.70 -4.30
N PHE A 19 7.83 -5.82 -3.44
CA PHE A 19 8.38 -4.44 -3.46
C PHE A 19 9.30 -4.19 -2.26
N ASP A 20 9.25 -5.05 -1.27
CA ASP A 20 10.13 -4.85 -0.09
C ASP A 20 11.56 -5.27 -0.39
N LYS A 21 12.09 -4.73 -1.46
CA LYS A 21 13.48 -5.06 -1.86
C LYS A 21 14.37 -3.85 -1.74
N ASP A 22 13.75 -2.74 -1.47
CA ASP A 22 14.54 -1.50 -1.34
C ASP A 22 15.33 -1.49 -0.03
N LYS A 23 15.22 -2.57 0.69
CA LYS A 23 15.95 -2.67 1.98
C LYS A 23 15.64 -1.48 2.88
N ASP A 24 14.48 -1.51 3.51
CA ASP A 24 14.13 -0.39 4.41
C ASP A 24 13.04 -0.81 5.38
N GLY A 25 12.48 -1.97 5.16
CA GLY A 25 11.41 -2.46 6.06
C GLY A 25 10.10 -1.73 5.78
N TYR A 26 10.18 -0.69 4.98
CA TYR A 26 8.97 0.08 4.65
C TYR A 26 8.96 0.47 3.17
N ILE A 27 7.78 0.51 2.60
CA ILE A 27 7.68 0.87 1.17
C ILE A 27 7.49 2.37 1.02
N ASN A 28 8.12 2.95 0.03
CA ASN A 28 7.97 4.41 -0.17
C ASN A 28 6.79 4.72 -1.07
N CYS A 29 6.11 5.80 -0.79
CA CYS A 29 4.94 6.15 -1.64
C CYS A 29 5.31 6.00 -3.10
N ARG A 30 6.59 6.03 -3.37
CA ARG A 30 7.03 5.89 -4.77
C ARG A 30 6.65 4.52 -5.28
N ASP A 31 6.90 3.53 -4.47
CA ASP A 31 6.57 2.16 -4.88
C ASP A 31 5.06 2.02 -4.96
N LEU A 32 4.40 2.50 -3.94
CA LEU A 32 2.93 2.41 -3.91
C LEU A 32 2.33 2.67 -5.27
N GLY A 33 2.46 3.89 -5.73
CA GLY A 33 1.90 4.21 -7.08
C GLY A 33 2.10 3.03 -8.02
N ASN A 34 3.26 2.45 -7.95
CA ASN A 34 3.55 1.29 -8.82
C ASN A 34 3.00 0.02 -8.21
N CYS A 35 2.92 -0.02 -6.89
CA CYS A 35 2.39 -1.24 -6.23
C CYS A 35 0.88 -1.20 -6.26
N MET A 36 0.35 -0.03 -6.08
CA MET A 36 -1.11 0.14 -6.08
C MET A 36 -1.67 -0.24 -7.45
N ARG A 37 -0.97 0.16 -8.49
CA ARG A 37 -1.47 -0.18 -9.84
C ARG A 37 -1.26 -1.66 -10.12
N THR A 38 -0.16 -2.19 -9.64
CA THR A 38 0.11 -3.62 -9.86
C THR A 38 -0.73 -4.47 -8.92
N MET A 39 -1.19 -3.85 -7.86
CA MET A 39 -2.02 -4.58 -6.88
C MET A 39 -3.44 -4.78 -7.40
N GLY A 40 -3.94 -3.77 -8.06
CA GLY A 40 -5.32 -3.88 -8.59
C GLY A 40 -5.86 -2.50 -8.93
N TYR A 41 -5.52 -2.05 -10.12
CA TYR A 41 -5.98 -0.71 -10.57
C TYR A 41 -7.36 -0.36 -10.01
N MET A 42 -7.52 0.89 -9.67
CA MET A 42 -8.81 1.34 -9.11
C MET A 42 -8.76 2.84 -8.80
N PRO A 43 -7.70 3.28 -8.13
CA PRO A 43 -7.55 4.68 -7.79
C PRO A 43 -7.23 5.50 -9.04
N THR A 44 -6.89 6.75 -8.84
CA THR A 44 -6.56 7.61 -10.00
C THR A 44 -5.15 7.32 -10.49
N GLU A 45 -4.59 8.27 -11.22
CA GLU A 45 -3.21 8.09 -11.74
C GLU A 45 -2.25 9.05 -11.06
N MET A 46 -2.69 9.63 -9.97
CA MET A 46 -1.80 10.58 -9.24
C MET A 46 -2.43 11.02 -7.93
N GLU A 47 -3.67 10.68 -7.74
CA GLU A 47 -4.33 11.07 -6.48
C GLU A 47 -3.88 10.19 -5.33
N LEU A 48 -3.88 8.90 -5.56
CA LEU A 48 -3.44 8.00 -4.47
C LEU A 48 -2.14 8.51 -3.91
N ILE A 49 -1.40 9.21 -4.74
CA ILE A 49 -0.13 9.76 -4.31
C ILE A 49 -0.38 10.87 -3.28
N GLU A 50 -1.30 11.74 -3.59
CA GLU A 50 -1.60 12.84 -2.65
C GLU A 50 -1.82 12.27 -1.27
N LEU A 51 -2.42 11.11 -1.23
CA LEU A 51 -2.68 10.47 0.07
C LEU A 51 -1.38 9.99 0.68
N SER A 52 -0.62 9.25 -0.08
CA SER A 52 0.67 8.75 0.46
C SER A 52 1.63 9.92 0.63
N GLN A 53 1.27 11.03 0.05
CA GLN A 53 2.13 12.22 0.17
C GLN A 53 1.81 12.94 1.45
N GLN A 54 0.55 12.94 1.79
CA GLN A 54 0.16 13.62 3.04
C GLN A 54 0.86 12.92 4.19
N ILE A 55 1.03 11.62 4.04
CA ILE A 55 1.71 10.84 5.11
C ILE A 55 2.93 11.62 5.60
N ASN A 56 3.60 12.25 4.67
CA ASN A 56 4.80 13.03 5.04
C ASN A 56 4.49 13.95 6.20
N MET A 57 3.35 14.60 6.14
CA MET A 57 2.98 15.52 7.25
C MET A 57 2.69 14.72 8.50
N ASN A 58 2.64 13.41 8.35
CA ASN A 58 2.37 12.53 9.51
C ASN A 58 3.58 11.64 9.80
N LEU A 59 3.86 10.73 8.89
CA LEU A 59 5.01 9.83 9.10
C LEU A 59 6.24 10.37 8.41
N GLY A 60 6.36 10.14 7.12
CA GLY A 60 7.55 10.65 6.41
C GLY A 60 7.50 10.33 4.90
N GLY A 61 6.63 9.40 4.53
CA GLY A 61 6.54 9.03 3.07
C GLY A 61 6.71 7.53 2.90
N HIS A 62 6.35 6.79 3.90
CA HIS A 62 6.49 5.31 3.81
C HIS A 62 5.42 4.63 4.65
N VAL A 63 5.19 3.38 4.35
CA VAL A 63 4.17 2.62 5.10
C VAL A 63 4.64 1.23 5.47
N ASP A 64 4.18 0.76 6.59
CA ASP A 64 4.57 -0.59 7.05
C ASP A 64 3.49 -1.55 6.60
N PHE A 65 3.78 -2.83 6.55
CA PHE A 65 2.72 -3.76 6.11
C PHE A 65 1.41 -3.43 6.78
N ASP A 66 1.49 -2.70 7.86
CA ASP A 66 0.25 -2.33 8.57
C ASP A 66 -0.41 -1.14 7.88
N ASP A 67 0.35 -0.08 7.69
CA ASP A 67 -0.23 1.11 7.02
C ASP A 67 -0.65 0.70 5.62
N PHE A 68 0.14 -0.16 5.04
CA PHE A 68 -0.15 -0.64 3.68
C PHE A 68 -1.54 -1.24 3.65
N VAL A 69 -1.77 -2.18 4.51
CA VAL A 69 -3.08 -2.82 4.57
C VAL A 69 -4.12 -1.79 5.00
N GLU A 70 -3.70 -0.89 5.87
CA GLU A 70 -4.64 0.14 6.34
C GLU A 70 -4.96 1.11 5.21
N LEU A 71 -3.95 1.54 4.48
CA LEU A 71 -4.22 2.48 3.38
C LEU A 71 -5.30 1.89 2.50
N MET A 72 -5.29 0.59 2.37
CA MET A 72 -6.32 -0.07 1.53
C MET A 72 -7.56 -0.33 2.38
N GLY A 73 -7.39 -0.09 3.67
CA GLY A 73 -8.51 -0.28 4.63
C GLY A 73 -9.89 0.02 4.01
N PRO A 74 -10.04 1.24 3.49
CA PRO A 74 -11.30 1.65 2.87
C PRO A 74 -11.83 0.58 1.92
N LYS A 75 -11.05 -0.42 1.68
CA LYS A 75 -11.50 -1.50 0.77
C LYS A 75 -10.46 -2.62 0.71
N LEU A 76 -10.72 -3.66 1.45
CA LEU A 76 -9.76 -4.81 1.46
C LEU A 76 -10.48 -6.11 1.79
MG MG B . 12.45 -2.23 1.73
N ASP A 1 -17.69 -16.91 9.99
CA ASP A 1 -16.24 -17.21 9.97
C ASP A 1 -15.47 -16.04 9.35
N ARG A 2 -15.59 -14.88 9.95
CA ARG A 2 -14.88 -13.69 9.42
C ARG A 2 -15.23 -13.44 7.95
N SER A 3 -14.74 -12.32 7.42
CA SER A 3 -15.01 -11.99 6.00
C SER A 3 -13.74 -12.02 5.16
N LEU A 4 -13.62 -11.08 4.26
CA LEU A 4 -12.39 -11.06 3.40
C LEU A 4 -11.18 -10.61 4.21
N ARG A 5 -10.67 -11.49 5.01
CA ARG A 5 -9.48 -11.15 5.83
C ARG A 5 -8.24 -11.96 5.44
N PRO A 6 -8.45 -13.19 5.02
CA PRO A 6 -7.32 -14.03 4.61
C PRO A 6 -6.85 -13.73 3.18
N GLU A 7 -7.39 -14.44 2.22
CA GLU A 7 -6.98 -14.21 0.81
C GLU A 7 -6.78 -12.74 0.51
N GLU A 8 -7.48 -11.90 1.19
CA GLU A 8 -7.33 -10.45 0.94
C GLU A 8 -6.05 -9.90 1.56
N ILE A 9 -5.85 -10.19 2.82
CA ILE A 9 -4.62 -9.68 3.47
C ILE A 9 -3.43 -10.48 3.00
N GLU A 10 -3.71 -11.61 2.40
CA GLU A 10 -2.62 -12.46 1.91
C GLU A 10 -2.06 -11.88 0.62
N GLU A 11 -2.94 -11.51 -0.27
CA GLU A 11 -2.46 -10.93 -1.55
C GLU A 11 -1.69 -9.66 -1.28
N LEU A 12 -2.14 -8.90 -0.32
CA LEU A 12 -1.44 -7.64 0.00
C LEU A 12 0.00 -7.94 0.39
N ARG A 13 0.14 -8.79 1.37
CA ARG A 13 1.50 -9.15 1.83
C ARG A 13 2.42 -9.47 0.67
N GLU A 14 1.93 -10.25 -0.26
CA GLU A 14 2.78 -10.61 -1.41
C GLU A 14 3.16 -9.36 -2.21
N ALA A 15 2.23 -8.45 -2.33
CA ALA A 15 2.53 -7.22 -3.09
C ALA A 15 3.57 -6.38 -2.35
N PHE A 16 3.33 -6.16 -1.08
CA PHE A 16 4.30 -5.35 -0.30
C PHE A 16 5.65 -6.01 -0.32
N ARG A 17 5.63 -7.31 -0.35
CA ARG A 17 6.93 -8.05 -0.37
C ARG A 17 7.44 -8.24 -1.79
N GLU A 18 6.56 -8.53 -2.70
CA GLU A 18 7.04 -8.72 -4.09
C GLU A 18 7.82 -7.49 -4.49
N PHE A 19 7.53 -6.41 -3.80
CA PHE A 19 8.22 -5.14 -4.08
C PHE A 19 9.33 -4.87 -3.05
N ASP A 20 9.15 -5.41 -1.86
CA ASP A 20 10.17 -5.18 -0.82
C ASP A 20 11.53 -5.69 -1.25
N LYS A 21 12.27 -4.80 -1.84
CA LYS A 21 13.61 -5.15 -2.32
C LYS A 21 14.39 -3.86 -2.43
N ASP A 22 13.70 -2.80 -2.15
CA ASP A 22 14.33 -1.46 -2.21
C ASP A 22 15.11 -1.21 -0.93
N LYS A 23 14.40 -0.86 0.11
CA LYS A 23 15.08 -0.61 1.40
C LYS A 23 15.31 -1.91 2.12
N ASP A 24 14.29 -2.38 2.79
CA ASP A 24 14.42 -3.67 3.54
C ASP A 24 13.31 -3.80 4.59
N GLY A 25 12.29 -2.99 4.44
CA GLY A 25 11.17 -3.07 5.42
C GLY A 25 10.00 -2.15 5.04
N TYR A 26 10.29 -0.87 4.89
CA TYR A 26 9.21 0.09 4.52
C TYR A 26 9.27 0.51 3.05
N ILE A 27 8.11 0.74 2.47
CA ILE A 27 8.05 1.15 1.05
C ILE A 27 7.89 2.66 0.94
N ASN A 28 8.37 3.23 -0.14
CA ASN A 28 8.24 4.69 -0.31
C ASN A 28 6.98 5.03 -1.08
N CYS A 29 6.47 6.22 -0.86
CA CYS A 29 5.23 6.63 -1.58
C CYS A 29 5.39 6.45 -3.08
N ARG A 30 6.61 6.54 -3.55
CA ARG A 30 6.84 6.38 -5.01
C ARG A 30 6.75 4.91 -5.40
N ASP A 31 6.91 4.06 -4.43
CA ASP A 31 6.84 2.62 -4.72
C ASP A 31 5.38 2.18 -4.85
N LEU A 32 4.57 2.58 -3.91
CA LEU A 32 3.15 2.19 -3.99
C LEU A 32 2.57 2.55 -5.33
N GLY A 33 2.86 3.73 -5.81
CA GLY A 33 2.30 4.12 -7.13
C GLY A 33 2.46 2.96 -8.09
N ASN A 34 3.56 2.25 -7.95
CA ASN A 34 3.81 1.10 -8.83
C ASN A 34 3.14 -0.15 -8.27
N CYS A 35 3.09 -0.25 -6.95
CA CYS A 35 2.45 -1.44 -6.35
C CYS A 35 0.95 -1.32 -6.45
N MET A 36 0.50 -0.09 -6.53
CA MET A 36 -0.94 0.15 -6.63
C MET A 36 -1.42 -0.16 -8.04
N ARG A 37 -0.72 0.36 -9.00
CA ARG A 37 -1.12 0.10 -10.40
C ARG A 37 -0.99 -1.38 -10.74
N THR A 38 -0.13 -2.07 -10.02
CA THR A 38 0.05 -3.51 -10.29
C THR A 38 -1.03 -4.37 -9.61
N MET A 39 -1.52 -3.91 -8.47
CA MET A 39 -2.57 -4.67 -7.75
C MET A 39 -3.81 -3.82 -7.48
N GLY A 40 -3.88 -2.70 -8.14
CA GLY A 40 -5.05 -1.80 -7.93
C GLY A 40 -6.02 -1.87 -9.10
N TYR A 41 -5.51 -1.80 -10.30
CA TYR A 41 -6.39 -1.86 -11.48
C TYR A 41 -7.63 -1.01 -11.25
N MET A 42 -7.49 -0.01 -10.44
CA MET A 42 -8.64 0.87 -10.15
C MET A 42 -8.23 2.27 -9.66
N PRO A 43 -7.23 2.35 -8.79
CA PRO A 43 -6.78 3.64 -8.27
C PRO A 43 -6.15 4.48 -9.36
N THR A 44 -6.20 5.77 -9.20
CA THR A 44 -5.60 6.65 -10.22
C THR A 44 -4.08 6.65 -10.11
N GLU A 45 -3.47 7.66 -10.67
CA GLU A 45 -1.99 7.76 -10.63
C GLU A 45 -1.58 9.07 -9.96
N MET A 46 -2.52 9.65 -9.27
CA MET A 46 -2.22 10.93 -8.59
C MET A 46 -3.02 11.04 -7.30
N GLU A 47 -4.09 10.29 -7.22
CA GLU A 47 -4.92 10.35 -5.99
C GLU A 47 -4.21 9.62 -4.85
N LEU A 48 -3.79 8.42 -5.11
CA LEU A 48 -3.10 7.67 -4.06
C LEU A 48 -1.98 8.52 -3.50
N ILE A 49 -1.45 9.38 -4.32
CA ILE A 49 -0.37 10.26 -3.90
C ILE A 49 -0.84 11.13 -2.73
N GLU A 50 -1.91 11.82 -2.93
CA GLU A 50 -2.42 12.69 -1.84
C GLU A 50 -2.52 11.88 -0.57
N LEU A 51 -2.84 10.62 -0.72
CA LEU A 51 -2.96 9.75 0.46
C LEU A 51 -1.59 9.36 0.96
N SER A 52 -0.78 8.84 0.08
CA SER A 52 0.58 8.45 0.51
C SER A 52 1.37 9.69 0.86
N GLN A 53 0.88 10.82 0.44
CA GLN A 53 1.58 12.08 0.76
C GLN A 53 1.20 12.49 2.16
N GLN A 54 -0.06 12.40 2.45
CA GLN A 54 -0.49 12.78 3.81
C GLN A 54 0.38 12.05 4.79
N ILE A 55 0.74 10.84 4.41
CA ILE A 55 1.59 10.04 5.30
C ILE A 55 2.73 10.89 5.86
N ASN A 56 3.15 11.85 5.08
CA ASN A 56 4.24 12.74 5.52
C ASN A 56 3.89 13.41 6.84
N MET A 57 2.67 13.26 7.26
CA MET A 57 2.26 13.86 8.55
C MET A 57 3.26 13.55 9.64
N ASN A 58 3.79 12.35 9.62
CA ASN A 58 4.77 11.97 10.66
C ASN A 58 5.75 10.92 10.12
N LEU A 59 5.22 9.93 9.45
CA LEU A 59 6.11 8.87 8.90
C LEU A 59 7.17 9.49 8.01
N GLY A 60 6.73 10.19 7.00
CA GLY A 60 7.71 10.83 6.06
C GLY A 60 7.91 10.00 4.80
N GLY A 61 6.85 9.49 4.24
CA GLY A 61 6.99 8.68 2.99
C GLY A 61 7.50 7.28 3.32
N HIS A 62 7.06 6.74 4.42
CA HIS A 62 7.50 5.38 4.81
C HIS A 62 6.34 4.63 5.42
N VAL A 63 5.82 3.69 4.69
CA VAL A 63 4.68 2.90 5.20
C VAL A 63 5.07 1.47 5.50
N ASP A 64 4.53 0.99 6.57
CA ASP A 64 4.82 -0.40 6.99
C ASP A 64 3.66 -1.25 6.53
N PHE A 65 3.84 -2.53 6.48
CA PHE A 65 2.70 -3.37 6.03
C PHE A 65 1.40 -2.92 6.70
N ASP A 66 1.51 -2.15 7.75
CA ASP A 66 0.29 -1.67 8.44
C ASP A 66 -0.35 -0.55 7.65
N ASP A 67 0.42 0.48 7.37
CA ASP A 67 -0.15 1.60 6.60
C ASP A 67 -0.51 1.12 5.21
N PHE A 68 0.36 0.32 4.66
CA PHE A 68 0.12 -0.23 3.31
C PHE A 68 -1.25 -0.89 3.25
N VAL A 69 -1.56 -1.63 4.29
CA VAL A 69 -2.88 -2.30 4.31
C VAL A 69 -3.97 -1.25 4.41
N GLU A 70 -3.78 -0.32 5.31
CA GLU A 70 -4.79 0.75 5.48
C GLU A 70 -4.85 1.60 4.22
N LEU A 71 -3.70 1.96 3.72
CA LEU A 71 -3.66 2.78 2.49
C LEU A 71 -4.34 2.02 1.37
N MET A 72 -4.42 0.72 1.56
CA MET A 72 -5.06 -0.14 0.54
C MET A 72 -6.51 -0.41 0.93
N GLY A 73 -6.84 0.02 2.13
CA GLY A 73 -8.24 -0.18 2.65
C GLY A 73 -9.31 -0.20 1.53
N PRO A 74 -9.37 0.87 0.77
CA PRO A 74 -10.33 0.96 -0.33
C PRO A 74 -10.48 -0.34 -1.13
N LYS A 75 -9.54 -1.25 -0.97
CA LYS A 75 -9.64 -2.54 -1.74
C LYS A 75 -10.35 -3.60 -0.91
N LEU A 76 -10.56 -3.29 0.35
CA LEU A 76 -11.26 -4.27 1.24
C LEU A 76 -12.27 -3.57 2.14
MG MG B . 14.13 -3.56 0.86
#